data_7DL9
#
_entry.id   7DL9
#
_cell.length_a   42.874
_cell.length_b   68.715
_cell.length_c   79.027
_cell.angle_alpha   81.110
_cell.angle_beta   74.270
_cell.angle_gamma   84.020
#
_symmetry.space_group_name_H-M   'P 1'
#
loop_
_entity.id
_entity.type
_entity.pdbx_description
1 polymer 'Nucleoside permease NupG'
2 non-polymer '(2R)-2,3-dihydroxypropyl (9Z)-octadec-9-enoate'
3 water water
#
_entity_poly.entity_id   1
_entity_poly.type   'polypeptide(L)'
_entity_poly.pdbx_seq_one_letter_code
;MNLKLQLKILSFLQFCLWGSWLTTLGSYMFVTLKFDGASIGAVYSSLGIAAVFMPALLGIVADKWLSAKWVYAICHTIGA
ITLFMAAQVTTPEAMFLVILINSFAYMPTLGLINTISYYRLQNAGMDIVTDFPPIRIWGTIGFIMAMWVVSLSGFELSHM
QLYIGAALSAILVLFTLTLPHIPVAKQQANQSWTTLLGLDAFALFKNKRMAIFFIFSMLLGAELQITNMFGNTFLHSFDK
DPMFASSFIVQHASIIMSISQISETLFILTIPFFLSRYGIKNVMMISIVAWILRFALFAYGDPTPFGTVLLVLSMIVYGC
AFDFFNISGSVFVEKEVSPAIRASAQGMFLMMTNGFGCILGGIVSGKVVEMYTQNGITDWQTVWLIFAGYSVVLAFAFMA
MFKYKHVRVPTGTQTVSH
;
_entity_poly.pdbx_strand_id   A,B
#
loop_
_chem_comp.id
_chem_comp.type
_chem_comp.name
_chem_comp.formula
OLC non-polymer '(2R)-2,3-dihydroxypropyl (9Z)-octadec-9-enoate' 'C21 H40 O4'
#
# COMPACT_ATOMS: atom_id res chain seq x y z
N MET A 1 -35.68 -3.38 43.99
CA MET A 1 -34.51 -2.69 43.52
C MET A 1 -34.84 -1.39 42.82
N ASN A 2 -33.97 -0.40 43.01
CA ASN A 2 -34.06 0.85 42.27
C ASN A 2 -33.84 0.51 40.80
N LEU A 3 -34.69 1.06 39.92
CA LEU A 3 -34.59 0.70 38.50
C LEU A 3 -33.27 1.17 37.90
N LYS A 4 -32.76 2.35 38.30
CA LYS A 4 -31.47 2.82 37.83
C LYS A 4 -30.36 1.88 38.28
N LEU A 5 -30.46 1.37 39.51
CA LEU A 5 -29.49 0.41 39.99
C LEU A 5 -29.53 -0.85 39.16
N GLN A 6 -30.75 -1.31 38.83
CA GLN A 6 -30.92 -2.56 38.10
C GLN A 6 -30.33 -2.44 36.71
N LEU A 7 -30.58 -1.31 36.06
CA LEU A 7 -30.07 -1.16 34.72
C LEU A 7 -28.56 -0.99 34.77
N LYS A 8 -28.04 -0.38 35.83
CA LYS A 8 -26.58 -0.24 35.91
C LYS A 8 -25.90 -1.59 36.14
N ILE A 9 -26.43 -2.41 37.04
CA ILE A 9 -25.90 -3.76 37.24
C ILE A 9 -26.01 -4.56 35.96
N LEU A 10 -27.13 -4.38 35.23
CA LEU A 10 -27.32 -5.07 33.95
C LEU A 10 -26.24 -4.65 32.96
N SER A 11 -25.98 -3.36 32.88
CA SER A 11 -24.97 -2.90 31.93
C SER A 11 -23.59 -3.39 32.33
N PHE A 12 -23.27 -3.32 33.62
CA PHE A 12 -21.98 -3.78 34.11
C PHE A 12 -21.78 -5.26 33.78
N LEU A 13 -22.78 -6.09 34.12
CA LEU A 13 -22.67 -7.51 33.87
C LEU A 13 -22.58 -7.79 32.38
N GLN A 14 -23.20 -6.94 31.54
CA GLN A 14 -23.21 -7.20 30.11
C GLN A 14 -21.81 -7.22 29.51
N PHE A 15 -20.96 -6.26 29.88
CA PHE A 15 -19.62 -6.20 29.30
C PHE A 15 -18.55 -6.85 30.17
N CYS A 16 -18.83 -7.02 31.46
CA CYS A 16 -17.85 -7.64 32.35
C CYS A 16 -17.66 -9.13 32.00
N LEU A 17 -18.69 -9.77 31.45
CA LEU A 17 -18.52 -11.11 30.93
C LEU A 17 -17.71 -11.15 29.64
N TRP A 18 -17.87 -10.17 28.75
CA TRP A 18 -17.15 -10.17 27.47
C TRP A 18 -15.66 -9.86 27.67
N GLY A 19 -15.36 -8.85 28.48
CA GLY A 19 -14.01 -8.44 28.83
C GLY A 19 -13.25 -9.41 29.73
N SER A 20 -13.91 -10.46 30.22
CA SER A 20 -13.20 -11.44 31.04
C SER A 20 -12.21 -12.24 30.21
N TRP A 21 -12.51 -12.42 28.92
CA TRP A 21 -11.76 -13.30 28.02
C TRP A 21 -11.36 -12.66 26.70
N LEU A 22 -12.05 -11.60 26.27
CA LEU A 22 -11.93 -11.11 24.89
C LEU A 22 -10.55 -10.61 24.51
N THR A 23 -9.91 -9.89 25.41
CA THR A 23 -8.54 -9.42 25.21
C THR A 23 -7.51 -10.56 25.32
N THR A 24 -7.66 -11.43 26.33
CA THR A 24 -6.67 -12.44 26.65
C THR A 24 -6.91 -13.80 25.99
N LEU A 25 -8.03 -13.97 25.27
CA LEU A 25 -8.33 -15.24 24.65
C LEU A 25 -7.26 -15.64 23.66
N GLY A 26 -6.71 -14.67 22.93
CA GLY A 26 -5.67 -15.00 21.97
C GLY A 26 -4.44 -15.59 22.64
N SER A 27 -3.90 -14.89 23.60
CA SER A 27 -2.73 -15.41 24.27
C SER A 27 -3.04 -16.69 25.03
N TYR A 28 -4.29 -16.90 25.45
CA TYR A 28 -4.64 -18.20 26.00
C TYR A 28 -4.49 -19.30 24.94
N MET A 29 -5.04 -19.05 23.75
CA MET A 29 -4.93 -20.01 22.66
C MET A 29 -3.47 -20.20 22.23
N PHE A 30 -2.70 -19.12 22.18
CA PHE A 30 -1.32 -19.18 21.73
C PHE A 30 -0.39 -19.83 22.76
N VAL A 31 -0.35 -19.29 23.97
CA VAL A 31 0.60 -19.76 24.97
C VAL A 31 0.15 -21.07 25.63
N THR A 32 -1.16 -21.29 25.83
CA THR A 32 -1.71 -22.46 26.52
C THR A 32 -2.07 -23.59 25.56
N LEU A 33 -2.92 -23.29 24.57
CA LEU A 33 -3.43 -24.27 23.63
C LEU A 33 -2.53 -24.41 22.41
N LYS A 34 -1.51 -23.57 22.32
CA LYS A 34 -0.50 -23.64 21.27
C LYS A 34 -1.10 -23.60 19.86
N PHE A 35 -1.96 -22.61 19.63
CA PHE A 35 -2.44 -22.29 18.29
C PHE A 35 -1.46 -21.39 17.56
N ASP A 36 -1.65 -21.29 16.26
CA ASP A 36 -0.93 -20.34 15.44
C ASP A 36 -1.75 -19.07 15.28
N GLY A 37 -1.07 -18.01 14.88
CA GLY A 37 -1.79 -16.76 14.73
C GLY A 37 -2.90 -16.80 13.70
N ALA A 38 -2.80 -17.66 12.70
CA ALA A 38 -3.88 -17.74 11.73
C ALA A 38 -5.16 -18.29 12.36
N SER A 39 -5.07 -19.33 13.18
CA SER A 39 -6.31 -19.84 13.76
C SER A 39 -6.80 -18.92 14.87
N ILE A 40 -5.90 -18.28 15.61
CA ILE A 40 -6.34 -17.29 16.59
C ILE A 40 -7.08 -16.15 15.90
N GLY A 41 -6.56 -15.70 14.75
CA GLY A 41 -7.26 -14.73 13.96
C GLY A 41 -8.57 -15.27 13.40
N ALA A 42 -8.63 -16.57 13.12
CA ALA A 42 -9.88 -17.11 12.59
C ALA A 42 -10.93 -17.09 13.67
N VAL A 43 -10.55 -17.51 14.88
CA VAL A 43 -11.48 -17.55 15.99
C VAL A 43 -12.00 -16.16 16.29
N TYR A 44 -11.11 -15.16 16.24
CA TYR A 44 -11.55 -13.79 16.42
C TYR A 44 -12.38 -13.32 15.23
N SER A 45 -12.21 -13.95 14.07
CA SER A 45 -12.93 -13.59 12.87
C SER A 45 -14.42 -13.85 13.00
N SER A 46 -14.83 -14.80 13.85
CA SER A 46 -16.25 -15.11 14.02
C SER A 46 -17.06 -13.93 14.54
N LEU A 47 -16.48 -13.08 15.39
CA LEU A 47 -17.24 -11.96 15.93
C LEU A 47 -17.72 -11.04 14.81
N GLY A 48 -16.91 -10.87 13.75
CA GLY A 48 -17.35 -10.09 12.62
C GLY A 48 -18.50 -10.73 11.89
N ILE A 49 -18.45 -12.06 11.72
CA ILE A 49 -19.51 -12.75 11.00
C ILE A 49 -20.82 -12.73 11.79
N ALA A 50 -20.73 -12.80 13.13
CA ALA A 50 -21.92 -12.61 13.95
C ALA A 50 -22.43 -11.17 13.92
N ALA A 51 -21.53 -10.20 14.03
CA ALA A 51 -21.96 -8.81 14.07
C ALA A 51 -22.68 -8.44 12.77
N VAL A 52 -22.15 -8.89 11.62
CA VAL A 52 -22.77 -8.54 10.33
C VAL A 52 -24.19 -9.10 10.19
N PHE A 53 -24.55 -10.16 10.93
CA PHE A 53 -25.91 -10.68 10.93
C PHE A 53 -26.76 -10.13 12.07
N MET A 54 -26.14 -9.43 13.02
CA MET A 54 -26.86 -8.94 14.19
C MET A 54 -28.05 -8.04 13.82
N PRO A 55 -27.98 -7.13 12.82
CA PRO A 55 -29.19 -6.38 12.46
C PRO A 55 -30.31 -7.27 11.99
N ALA A 56 -30.00 -8.38 11.32
CA ALA A 56 -31.06 -9.25 10.82
C ALA A 56 -31.85 -9.86 11.98
N LEU A 57 -31.15 -10.40 12.98
CA LEU A 57 -31.85 -11.05 14.07
C LEU A 57 -32.54 -10.02 14.95
N LEU A 58 -31.96 -8.83 15.10
CA LEU A 58 -32.68 -7.82 15.87
C LEU A 58 -33.95 -7.43 15.14
N GLY A 59 -33.88 -7.37 13.81
CA GLY A 59 -35.04 -7.07 13.02
C GLY A 59 -36.11 -8.12 13.16
N ILE A 60 -35.72 -9.40 13.21
CA ILE A 60 -36.76 -10.41 13.39
C ILE A 60 -37.35 -10.33 14.79
N VAL A 61 -36.56 -9.89 15.78
CA VAL A 61 -37.15 -9.73 17.12
C VAL A 61 -38.25 -8.69 17.05
N ALA A 62 -37.95 -7.55 16.44
CA ALA A 62 -38.94 -6.47 16.31
C ALA A 62 -40.13 -6.89 15.44
N ASP A 63 -39.86 -7.58 14.31
CA ASP A 63 -40.91 -7.90 13.35
C ASP A 63 -41.87 -8.98 13.85
N LYS A 64 -41.36 -10.14 14.31
CA LYS A 64 -42.25 -11.18 14.77
C LYS A 64 -42.48 -11.11 16.27
N TRP A 65 -42.06 -10.00 16.89
CA TRP A 65 -42.66 -9.43 18.08
C TRP A 65 -42.15 -10.08 19.34
N LEU A 66 -40.93 -10.59 19.26
CA LEU A 66 -40.31 -11.20 20.43
C LEU A 66 -39.96 -10.15 21.48
N SER A 67 -39.89 -10.60 22.73
CA SER A 67 -39.64 -9.70 23.84
C SER A 67 -38.15 -9.62 24.14
N ALA A 68 -37.61 -8.39 24.16
CA ALA A 68 -36.18 -8.21 24.35
C ALA A 68 -35.72 -8.81 25.67
N LYS A 69 -36.54 -8.75 26.72
CA LYS A 69 -36.10 -9.33 27.98
C LYS A 69 -35.81 -10.79 27.78
N TRP A 70 -36.77 -11.51 27.21
CA TRP A 70 -36.70 -12.95 27.15
C TRP A 70 -35.68 -13.41 26.13
N VAL A 71 -35.61 -12.73 24.98
CA VAL A 71 -34.57 -13.01 23.99
C VAL A 71 -33.20 -12.78 24.60
N TYR A 72 -33.04 -11.68 25.33
CA TYR A 72 -31.80 -11.37 26.03
C TYR A 72 -31.42 -12.48 26.99
N ALA A 73 -32.41 -12.98 27.75
CA ALA A 73 -32.17 -14.10 28.67
C ALA A 73 -31.75 -15.37 27.93
N ILE A 74 -32.46 -15.74 26.86
CA ILE A 74 -32.11 -16.94 26.10
C ILE A 74 -30.71 -16.81 25.52
N CYS A 75 -30.37 -15.58 25.09
CA CYS A 75 -29.12 -15.35 24.39
C CYS A 75 -27.96 -15.44 25.35
N HIS A 76 -28.14 -14.93 26.56
CA HIS A 76 -27.08 -15.09 27.54
C HIS A 76 -26.98 -16.54 28.02
N THR A 77 -28.11 -17.26 28.08
CA THR A 77 -28.04 -18.69 28.45
C THR A 77 -27.18 -19.45 27.45
N ILE A 78 -27.36 -19.14 26.16
CA ILE A 78 -26.50 -19.73 25.12
C ILE A 78 -25.05 -19.24 25.28
N GLY A 79 -24.87 -17.96 25.61
CA GLY A 79 -23.53 -17.45 25.83
C GLY A 79 -22.79 -18.15 26.98
N ALA A 80 -23.51 -18.41 28.08
CA ALA A 80 -22.89 -19.11 29.22
C ALA A 80 -22.56 -20.55 28.90
N ILE A 81 -23.47 -21.27 28.22
CA ILE A 81 -23.16 -22.65 27.89
C ILE A 81 -21.96 -22.68 26.97
N THR A 82 -21.92 -21.73 26.04
CA THR A 82 -20.86 -21.66 25.06
C THR A 82 -19.51 -21.34 25.69
N LEU A 83 -19.46 -20.37 26.61
CA LEU A 83 -18.15 -20.12 27.22
C LEU A 83 -17.74 -21.31 28.08
N PHE A 84 -18.74 -22.03 28.64
CA PHE A 84 -18.43 -23.23 29.40
C PHE A 84 -17.77 -24.29 28.54
N MET A 85 -18.27 -24.49 27.33
CA MET A 85 -17.55 -25.38 26.42
C MET A 85 -16.20 -24.80 26.04
N ALA A 86 -16.14 -23.48 25.84
CA ALA A 86 -14.88 -22.92 25.36
C ALA A 86 -13.74 -23.28 26.32
N ALA A 87 -14.03 -23.27 27.62
CA ALA A 87 -12.97 -23.67 28.53
C ALA A 87 -12.54 -25.12 28.34
N GLN A 88 -13.10 -25.85 27.37
CA GLN A 88 -12.82 -27.25 27.12
C GLN A 88 -12.42 -27.63 25.69
N VAL A 89 -12.18 -26.67 24.78
CA VAL A 89 -12.18 -27.03 23.35
C VAL A 89 -10.88 -27.69 22.90
N THR A 90 -9.72 -27.16 23.33
CA THR A 90 -8.39 -27.74 23.03
C THR A 90 -7.96 -27.72 21.54
N THR A 91 -8.91 -27.88 20.56
CA THR A 91 -8.58 -27.82 19.12
C THR A 91 -9.18 -26.58 18.45
N PRO A 92 -8.43 -25.94 17.56
CA PRO A 92 -8.88 -24.65 17.00
C PRO A 92 -10.22 -24.66 16.27
N GLU A 93 -10.50 -25.65 15.42
CA GLU A 93 -11.74 -25.57 14.67
C GLU A 93 -12.93 -25.55 15.59
N ALA A 94 -12.84 -26.34 16.68
CA ALA A 94 -13.88 -26.36 17.70
C ALA A 94 -13.94 -25.02 18.41
N MET A 95 -12.78 -24.40 18.67
CA MET A 95 -12.85 -23.09 19.31
C MET A 95 -13.60 -22.11 18.43
N PHE A 96 -13.32 -22.14 17.12
CA PHE A 96 -13.98 -21.23 16.19
C PHE A 96 -15.48 -21.47 16.22
N LEU A 97 -15.87 -22.74 16.33
CA LEU A 97 -17.29 -23.07 16.37
C LEU A 97 -17.98 -22.57 17.64
N VAL A 98 -17.39 -22.83 18.80
CA VAL A 98 -18.12 -22.44 20.00
C VAL A 98 -18.14 -20.94 20.12
N ILE A 99 -17.05 -20.26 19.72
CA ILE A 99 -17.03 -18.81 19.67
C ILE A 99 -17.96 -18.25 18.60
N LEU A 100 -18.23 -19.04 17.54
CA LEU A 100 -19.21 -18.61 16.54
C LEU A 100 -20.59 -18.57 17.13
N ILE A 101 -20.97 -19.62 17.88
CA ILE A 101 -22.28 -19.70 18.54
C ILE A 101 -22.39 -18.65 19.63
N ASN A 102 -21.30 -18.43 20.35
CA ASN A 102 -21.30 -17.44 21.40
C ASN A 102 -21.44 -16.03 20.83
N SER A 103 -20.75 -15.75 19.73
CA SER A 103 -20.85 -14.42 19.16
C SER A 103 -22.21 -14.21 18.55
N PHE A 104 -22.81 -15.27 17.97
CA PHE A 104 -24.15 -15.13 17.40
C PHE A 104 -25.17 -14.81 18.48
N ALA A 105 -25.06 -15.45 19.66
CA ALA A 105 -25.97 -15.11 20.76
C ALA A 105 -25.67 -13.73 21.34
N TYR A 106 -24.38 -13.45 21.58
CA TYR A 106 -24.00 -12.24 22.31
C TYR A 106 -24.25 -10.97 21.48
N MET A 107 -23.86 -10.93 20.19
CA MET A 107 -23.87 -9.64 19.48
C MET A 107 -25.24 -8.99 19.51
N PRO A 108 -26.34 -9.74 19.24
CA PRO A 108 -27.69 -9.18 19.27
C PRO A 108 -27.98 -8.52 20.62
N THR A 109 -27.14 -8.79 21.62
CA THR A 109 -27.31 -8.22 22.99
C THR A 109 -26.91 -6.74 22.97
N LEU A 110 -25.93 -6.38 22.14
CA LEU A 110 -25.46 -4.97 22.04
C LEU A 110 -26.66 -4.06 21.81
N GLY A 111 -27.70 -4.57 21.14
CA GLY A 111 -28.91 -3.81 20.86
C GLY A 111 -30.02 -4.06 21.86
N LEU A 112 -30.17 -5.32 22.31
CA LEU A 112 -31.27 -5.66 23.21
C LEU A 112 -31.20 -4.90 24.53
N ILE A 113 -30.00 -4.70 25.08
CA ILE A 113 -29.89 -3.98 26.34
C ILE A 113 -30.39 -2.54 26.18
N ASN A 114 -30.03 -1.89 25.06
CA ASN A 114 -30.51 -0.53 24.80
C ASN A 114 -32.02 -0.52 24.69
N THR A 115 -32.56 -1.51 23.98
CA THR A 115 -34.02 -1.58 23.87
C THR A 115 -34.64 -1.73 25.24
N ILE A 116 -34.07 -2.64 26.06
CA ILE A 116 -34.67 -2.97 27.37
C ILE A 116 -34.71 -1.72 28.23
N SER A 117 -33.60 -1.00 28.27
CA SER A 117 -33.46 0.14 29.16
C SER A 117 -34.32 1.32 28.73
N TYR A 118 -34.44 1.57 27.42
CA TYR A 118 -35.24 2.72 27.03
C TYR A 118 -36.67 2.58 27.51
N TYR A 119 -37.28 1.42 27.25
CA TYR A 119 -38.67 1.18 27.59
C TYR A 119 -38.86 1.07 29.11
N ARG A 120 -37.89 0.49 29.82
CA ARG A 120 -38.00 0.41 31.26
C ARG A 120 -37.92 1.81 31.90
N LEU A 121 -37.03 2.70 31.39
CA LEU A 121 -36.93 4.06 31.90
C LEU A 121 -38.16 4.88 31.56
N GLN A 122 -38.72 4.71 30.35
CA GLN A 122 -39.95 5.40 29.99
C GLN A 122 -41.11 4.92 30.83
N ASN A 123 -41.13 3.62 31.15
CA ASN A 123 -42.20 3.06 31.97
C ASN A 123 -42.27 3.78 33.31
N ALA A 124 -41.09 4.01 33.91
CA ALA A 124 -40.98 4.67 35.20
C ALA A 124 -41.14 6.19 35.12
N GLY A 125 -41.29 6.77 33.94
CA GLY A 125 -41.35 8.22 33.86
C GLY A 125 -40.01 8.90 34.00
N MET A 126 -38.94 8.26 33.53
CA MET A 126 -37.62 8.82 33.64
C MET A 126 -37.16 9.45 32.32
N ASP A 127 -36.16 10.31 32.44
CA ASP A 127 -35.58 11.06 31.33
C ASP A 127 -34.59 10.15 30.60
N ILE A 128 -34.94 9.74 29.38
CA ILE A 128 -34.07 8.85 28.62
C ILE A 128 -32.78 9.56 28.21
N VAL A 129 -32.88 10.85 27.87
CA VAL A 129 -31.78 11.60 27.26
C VAL A 129 -30.64 11.81 28.24
N THR A 130 -30.96 12.06 29.51
CA THR A 130 -29.99 12.28 30.55
C THR A 130 -29.65 11.03 31.36
N ASP A 131 -30.53 10.03 31.37
CA ASP A 131 -30.27 8.84 32.15
C ASP A 131 -29.59 7.71 31.38
N PHE A 132 -29.60 7.72 30.06
CA PHE A 132 -28.82 6.69 29.39
C PHE A 132 -27.30 6.82 29.61
N PRO A 133 -26.69 8.00 29.54
CA PRO A 133 -25.22 8.07 29.68
C PRO A 133 -24.71 7.54 31.02
N PRO A 134 -25.38 7.79 32.17
CA PRO A 134 -24.90 7.16 33.43
C PRO A 134 -25.03 5.66 33.46
N ILE A 135 -26.05 5.08 32.80
CA ILE A 135 -26.17 3.61 32.71
C ILE A 135 -25.10 3.03 31.78
N ARG A 136 -24.95 3.57 30.56
CA ARG A 136 -24.06 2.95 29.58
C ARG A 136 -22.62 2.90 30.07
N ILE A 137 -22.23 3.82 30.97
CA ILE A 137 -20.84 3.92 31.39
C ILE A 137 -20.43 2.79 32.31
N TRP A 138 -21.37 2.23 33.06
CA TRP A 138 -21.06 1.08 33.89
C TRP A 138 -20.65 -0.13 33.04
N GLY A 139 -21.10 -0.19 31.79
CA GLY A 139 -20.64 -1.25 30.94
C GLY A 139 -19.15 -1.17 30.68
N THR A 140 -18.64 0.02 30.37
CA THR A 140 -17.21 0.16 30.23
C THR A 140 -16.51 -0.05 31.58
N ILE A 141 -17.12 0.41 32.67
CA ILE A 141 -16.53 0.16 33.98
C ILE A 141 -16.40 -1.34 34.23
N GLY A 142 -17.45 -2.11 33.90
CA GLY A 142 -17.43 -3.56 34.02
C GLY A 142 -16.42 -4.24 33.10
N PHE A 143 -16.35 -3.80 31.84
CA PHE A 143 -15.39 -4.39 30.90
C PHE A 143 -13.97 -4.23 31.42
N ILE A 144 -13.62 -3.02 31.86
CA ILE A 144 -12.28 -2.78 32.39
C ILE A 144 -12.07 -3.58 33.68
N MET A 145 -13.07 -3.58 34.58
CA MET A 145 -12.87 -4.28 35.84
C MET A 145 -12.76 -5.80 35.63
N ALA A 146 -13.42 -6.34 34.61
CA ALA A 146 -13.22 -7.76 34.29
C ALA A 146 -11.80 -8.02 33.81
N MET A 147 -11.32 -7.19 32.88
CA MET A 147 -9.94 -7.30 32.44
C MET A 147 -9.02 -7.33 33.64
N TRP A 148 -9.20 -6.34 34.54
CA TRP A 148 -8.32 -6.15 35.69
C TRP A 148 -8.38 -7.32 36.67
N VAL A 149 -9.59 -7.76 37.05
CA VAL A 149 -9.71 -8.84 38.02
C VAL A 149 -9.19 -10.16 37.46
N VAL A 150 -9.52 -10.48 36.20
CA VAL A 150 -8.96 -11.70 35.62
C VAL A 150 -7.44 -11.62 35.56
N SER A 151 -6.88 -10.44 35.20
CA SER A 151 -5.43 -10.27 35.14
C SER A 151 -4.78 -10.44 36.49
N LEU A 152 -5.38 -9.86 37.53
CA LEU A 152 -4.88 -9.94 38.91
C LEU A 152 -4.98 -11.34 39.51
N SER A 153 -6.03 -12.11 39.19
CA SER A 153 -6.18 -13.43 39.80
C SER A 153 -5.22 -14.47 39.23
N GLY A 154 -4.57 -14.15 38.11
CA GLY A 154 -3.68 -15.07 37.45
C GLY A 154 -4.32 -15.88 36.36
N PHE A 155 -5.46 -15.46 35.86
CA PHE A 155 -6.19 -16.22 34.86
C PHE A 155 -5.99 -15.69 33.46
N GLU A 156 -4.93 -14.91 33.23
CA GLU A 156 -4.73 -14.41 31.87
C GLU A 156 -4.46 -15.54 30.89
N LEU A 157 -3.69 -16.54 31.30
CA LEU A 157 -3.31 -17.66 30.45
C LEU A 157 -4.19 -18.88 30.66
N SER A 158 -5.27 -18.77 31.42
CA SER A 158 -6.09 -19.93 31.77
C SER A 158 -7.42 -19.91 31.05
N HIS A 159 -8.11 -21.03 31.19
CA HIS A 159 -9.48 -21.20 30.74
C HIS A 159 -10.43 -20.85 31.87
N MET A 160 -9.89 -20.41 33.00
CA MET A 160 -10.72 -19.94 34.08
C MET A 160 -11.46 -18.70 33.67
N GLN A 161 -10.84 -17.83 32.87
CA GLN A 161 -11.51 -16.64 32.39
C GLN A 161 -12.78 -17.01 31.66
N LEU A 162 -12.75 -18.12 30.92
CA LEU A 162 -13.96 -18.58 30.25
C LEU A 162 -15.01 -19.04 31.24
N TYR A 163 -14.57 -19.65 32.35
CA TYR A 163 -15.51 -19.98 33.42
C TYR A 163 -16.03 -18.71 34.09
N ILE A 164 -15.18 -17.71 34.25
CA ILE A 164 -15.59 -16.42 34.81
C ILE A 164 -16.65 -15.78 33.94
N GLY A 165 -16.46 -15.86 32.61
CA GLY A 165 -17.45 -15.38 31.67
C GLY A 165 -18.72 -16.21 31.69
N ALA A 166 -18.58 -17.52 31.82
CA ALA A 166 -19.74 -18.39 31.93
C ALA A 166 -20.56 -18.07 33.18
N ALA A 167 -19.88 -17.91 34.32
CA ALA A 167 -20.54 -17.57 35.57
C ALA A 167 -21.19 -16.20 35.51
N LEU A 168 -20.51 -15.21 34.91
CA LEU A 168 -21.09 -13.89 34.85
C LEU A 168 -22.25 -13.82 33.86
N SER A 169 -22.19 -14.60 32.79
CA SER A 169 -23.36 -14.73 31.91
C SER A 169 -24.54 -15.36 32.63
N ALA A 170 -24.28 -16.39 33.44
CA ALA A 170 -25.37 -17.05 34.18
C ALA A 170 -25.99 -16.10 35.22
N ILE A 171 -25.15 -15.37 35.96
CA ILE A 171 -25.69 -14.41 36.92
C ILE A 171 -26.45 -13.32 36.18
N LEU A 172 -25.96 -12.95 35.00
CA LEU A 172 -26.68 -11.95 34.21
C LEU A 172 -28.07 -12.46 33.84
N VAL A 173 -28.18 -13.72 33.42
CA VAL A 173 -29.48 -14.35 33.14
C VAL A 173 -30.42 -14.20 34.33
N LEU A 174 -29.97 -14.65 35.50
CA LEU A 174 -30.94 -14.77 36.59
C LEU A 174 -31.27 -13.40 37.18
N PHE A 175 -30.34 -12.45 37.11
CA PHE A 175 -30.70 -11.07 37.42
C PHE A 175 -31.60 -10.51 36.33
N THR A 176 -31.47 -11.03 35.12
CA THR A 176 -32.27 -10.51 34.02
C THR A 176 -33.74 -10.83 34.23
N LEU A 177 -34.02 -11.93 34.93
CA LEU A 177 -35.42 -12.26 35.25
C LEU A 177 -36.11 -11.14 36.02
N THR A 178 -35.42 -10.55 36.99
CA THR A 178 -36.03 -9.59 37.91
C THR A 178 -36.57 -8.33 37.22
N LEU A 179 -36.14 -8.03 36.00
CA LEU A 179 -36.53 -6.81 35.30
C LEU A 179 -38.06 -6.68 35.18
N PRO A 180 -38.58 -5.45 35.19
CA PRO A 180 -40.04 -5.27 35.08
C PRO A 180 -40.58 -5.82 33.78
N HIS A 181 -41.85 -6.20 33.79
CA HIS A 181 -42.51 -6.62 32.55
C HIS A 181 -42.94 -5.38 31.74
N ILE A 182 -42.65 -5.36 30.44
CA ILE A 182 -43.11 -4.31 29.54
C ILE A 182 -43.79 -4.99 28.37
N PRO A 183 -45.06 -4.69 28.07
CA PRO A 183 -45.71 -5.29 26.90
C PRO A 183 -45.04 -4.90 25.59
N VAL A 184 -44.83 -5.90 24.73
CA VAL A 184 -44.22 -5.62 23.44
C VAL A 184 -45.14 -4.71 22.62
N ALA A 185 -46.42 -4.61 22.98
CA ALA A 185 -47.33 -3.68 22.32
C ALA A 185 -46.88 -2.26 22.56
N LYS A 186 -46.36 -1.99 23.77
CA LYS A 186 -45.88 -0.68 24.15
C LYS A 186 -44.63 -0.28 23.35
N GLN A 187 -43.98 -1.24 22.70
CA GLN A 187 -42.75 -1.03 21.96
C GLN A 187 -43.01 -0.76 20.49
N GLN A 188 -44.26 -0.59 20.12
CA GLN A 188 -44.67 -0.41 18.74
C GLN A 188 -44.61 1.05 18.32
N ALA A 189 -44.81 1.27 17.02
CA ALA A 189 -44.86 2.57 16.36
C ALA A 189 -43.45 3.15 16.23
N ASN A 190 -42.42 2.40 16.63
CA ASN A 190 -41.04 2.86 16.65
C ASN A 190 -40.29 2.08 15.58
N GLN A 191 -39.81 2.78 14.53
CA GLN A 191 -39.10 2.09 13.46
C GLN A 191 -37.75 1.64 14.00
N SER A 192 -37.46 0.35 13.79
CA SER A 192 -36.26 -0.24 14.32
C SER A 192 -35.05 0.43 13.69
N TRP A 193 -33.94 0.50 14.43
CA TRP A 193 -32.74 0.95 13.76
C TRP A 193 -32.34 -0.01 12.63
N THR A 194 -32.61 -1.31 12.84
CA THR A 194 -32.28 -2.34 11.85
C THR A 194 -33.02 -2.15 10.53
N THR A 195 -34.20 -1.51 10.53
CA THR A 195 -34.87 -1.24 9.26
C THR A 195 -34.09 -0.27 8.37
N LEU A 196 -33.16 0.49 8.92
CA LEU A 196 -32.33 1.36 8.10
C LEU A 196 -31.11 0.61 7.56
N LEU A 197 -31.02 -0.67 7.85
CA LEU A 197 -30.11 -1.60 7.19
C LEU A 197 -30.91 -2.29 6.09
N GLY A 198 -30.71 -3.57 5.92
CA GLY A 198 -31.51 -4.29 4.98
C GLY A 198 -30.94 -4.14 3.61
N LEU A 199 -31.61 -4.73 2.62
CA LEU A 199 -30.99 -4.84 1.31
C LEU A 199 -31.24 -3.66 0.38
N ASP A 200 -31.90 -2.60 0.82
CA ASP A 200 -31.98 -1.44 -0.06
C ASP A 200 -31.09 -0.31 0.46
N ALA A 201 -30.45 -0.51 1.61
CA ALA A 201 -29.48 0.44 2.14
C ALA A 201 -28.14 0.26 1.49
N PHE A 202 -28.01 -0.75 0.65
CA PHE A 202 -26.91 -0.91 -0.25
C PHE A 202 -27.09 0.00 -1.44
N ALA A 203 -28.23 0.71 -1.51
CA ALA A 203 -28.42 1.69 -2.55
C ALA A 203 -27.36 2.77 -2.46
N LEU A 204 -26.85 3.01 -1.25
CA LEU A 204 -25.79 3.98 -1.08
C LEU A 204 -24.57 3.66 -1.93
N PHE A 205 -24.40 2.41 -2.34
CA PHE A 205 -23.27 2.05 -3.19
C PHE A 205 -23.52 2.35 -4.67
N LYS A 206 -24.60 3.06 -4.96
CA LYS A 206 -24.81 3.58 -6.30
C LYS A 206 -23.68 4.52 -6.68
N ASN A 207 -23.30 5.42 -5.77
CA ASN A 207 -22.24 6.38 -6.07
C ASN A 207 -20.89 5.66 -6.05
N LYS A 208 -20.15 5.73 -7.17
CA LYS A 208 -18.82 5.15 -7.17
C LYS A 208 -17.94 5.84 -6.14
N ARG A 209 -18.20 7.13 -5.87
CA ARG A 209 -17.34 7.85 -4.94
C ARG A 209 -17.52 7.33 -3.53
N MET A 210 -18.76 7.24 -3.11
CA MET A 210 -19.01 6.76 -1.77
C MET A 210 -18.66 5.30 -1.63
N ALA A 211 -18.87 4.51 -2.70
CA ALA A 211 -18.54 3.09 -2.68
C ALA A 211 -17.05 2.88 -2.46
N ILE A 212 -16.21 3.59 -3.21
CA ILE A 212 -14.77 3.48 -3.05
C ILE A 212 -14.38 3.90 -1.64
N PHE A 213 -15.07 4.94 -1.14
CA PHE A 213 -14.83 5.38 0.22
C PHE A 213 -15.11 4.25 1.21
N PHE A 214 -16.28 3.61 1.09
CA PHE A 214 -16.64 2.57 2.02
C PHE A 214 -15.62 1.45 1.96
N ILE A 215 -15.09 1.17 0.78
CA ILE A 215 -14.11 0.10 0.69
C ILE A 215 -12.84 0.46 1.44
N PHE A 216 -12.39 1.72 1.31
CA PHE A 216 -11.20 2.11 2.06
C PHE A 216 -11.47 2.17 3.55
N SER A 217 -12.67 2.57 3.92
CA SER A 217 -13.02 2.51 5.33
C SER A 217 -13.14 1.08 5.82
N MET A 218 -13.61 0.14 4.99
CA MET A 218 -13.58 -1.28 5.38
C MET A 218 -12.15 -1.74 5.52
N LEU A 219 -11.29 -1.33 4.58
CA LEU A 219 -9.88 -1.69 4.58
C LEU A 219 -9.20 -1.14 5.83
N LEU A 220 -9.44 0.15 6.09
CA LEU A 220 -8.83 0.88 7.24
C LEU A 220 -9.31 0.26 8.55
N GLY A 221 -10.60 -0.05 8.62
CA GLY A 221 -11.18 -0.67 9.83
C GLY A 221 -10.77 -2.11 10.05
N ALA A 222 -10.34 -2.79 8.99
CA ALA A 222 -9.80 -4.13 9.10
C ALA A 222 -8.77 -4.27 10.21
N GLU A 223 -8.09 -3.18 10.58
CA GLU A 223 -7.12 -3.18 11.68
C GLU A 223 -7.60 -2.43 12.92
N LEU A 224 -8.90 -2.15 13.07
CA LEU A 224 -9.42 -1.50 14.27
C LEU A 224 -9.25 -2.37 15.52
N GLN A 225 -9.43 -3.69 15.40
CA GLN A 225 -9.42 -4.57 16.56
C GLN A 225 -8.19 -5.46 16.64
N ILE A 226 -7.11 -5.13 15.92
CA ILE A 226 -5.96 -6.03 15.89
C ILE A 226 -5.26 -6.10 17.25
N THR A 227 -5.15 -4.98 17.94
CA THR A 227 -4.41 -5.03 19.17
C THR A 227 -5.26 -5.47 20.35
N ASN A 228 -6.58 -5.35 20.26
CA ASN A 228 -7.41 -6.13 21.18
C ASN A 228 -7.19 -7.63 20.98
N MET A 229 -7.04 -8.09 19.73
CA MET A 229 -6.81 -9.51 19.47
C MET A 229 -5.43 -9.95 19.92
N PHE A 230 -4.38 -9.17 19.58
CA PHE A 230 -3.00 -9.60 19.65
C PHE A 230 -2.02 -8.81 20.55
N GLY A 231 -2.35 -7.60 21.02
CA GLY A 231 -1.40 -6.87 21.84
C GLY A 231 -1.06 -7.62 23.11
N ASN A 232 -2.01 -8.38 23.65
CA ASN A 232 -1.73 -9.22 24.81
C ASN A 232 -0.74 -10.31 24.46
N THR A 233 -0.90 -10.94 23.28
CA THR A 233 0.03 -11.98 22.86
C THR A 233 1.42 -11.39 22.67
N PHE A 234 1.48 -10.19 22.12
CA PHE A 234 2.75 -9.53 21.91
C PHE A 234 3.39 -9.10 23.21
N LEU A 235 2.59 -8.65 24.18
CA LEU A 235 3.12 -8.22 25.46
C LEU A 235 3.61 -9.38 26.29
N HIS A 236 3.03 -10.59 26.12
CA HIS A 236 3.52 -11.77 26.82
C HIS A 236 4.77 -12.33 26.17
N SER A 237 5.07 -11.91 24.95
CA SER A 237 6.20 -12.44 24.21
C SER A 237 7.52 -12.17 24.88
N PHE A 238 7.55 -11.29 25.87
CA PHE A 238 8.79 -10.99 26.55
C PHE A 238 9.14 -12.03 27.61
N ASP A 239 8.43 -13.17 27.63
CA ASP A 239 8.73 -14.23 28.58
C ASP A 239 10.04 -14.91 28.23
N LYS A 240 10.41 -14.90 26.95
CA LYS A 240 11.66 -15.52 26.53
C LYS A 240 12.86 -14.72 27.03
N ASP A 241 12.66 -13.43 27.31
CA ASP A 241 13.74 -12.64 27.86
C ASP A 241 13.69 -12.76 29.37
N PRO A 242 14.73 -13.30 30.02
CA PRO A 242 14.71 -13.45 31.49
C PRO A 242 14.78 -12.12 32.23
N MET A 243 15.17 -11.04 31.56
CA MET A 243 15.07 -9.72 32.17
C MET A 243 13.63 -9.34 32.39
N PHE A 244 12.75 -9.75 31.46
CA PHE A 244 11.38 -9.29 31.44
C PHE A 244 10.38 -10.35 31.84
N ALA A 245 10.83 -11.57 32.10
CA ALA A 245 9.87 -12.58 32.49
C ALA A 245 9.13 -12.13 33.74
N SER A 246 9.87 -11.53 34.68
CA SER A 246 9.39 -10.95 35.94
C SER A 246 8.44 -9.74 35.79
N SER A 247 8.46 -9.07 34.65
CA SER A 247 7.88 -7.73 34.51
C SER A 247 6.35 -7.70 34.65
N PHE A 248 5.84 -6.66 35.33
CA PHE A 248 4.40 -6.48 35.51
C PHE A 248 3.69 -6.37 34.17
N ILE A 249 4.31 -5.66 33.22
CA ILE A 249 3.75 -5.50 31.88
C ILE A 249 3.72 -6.81 31.13
N VAL A 250 4.69 -7.69 31.44
CA VAL A 250 4.79 -9.02 30.78
C VAL A 250 3.82 -9.99 31.45
N GLN A 251 3.75 -9.95 32.79
CA GLN A 251 2.85 -10.86 33.56
C GLN A 251 1.44 -10.24 33.61
N HIS A 252 1.37 -8.93 33.81
CA HIS A 252 0.06 -8.22 33.90
C HIS A 252 -0.17 -7.35 32.66
N ALA A 253 -0.16 -7.96 31.47
CA ALA A 253 -0.40 -7.25 30.22
C ALA A 253 -1.79 -6.63 30.16
N SER A 254 -2.79 -7.22 30.83
CA SER A 254 -4.13 -6.68 30.68
C SER A 254 -4.31 -5.33 31.37
N ILE A 255 -3.49 -5.01 32.37
CA ILE A 255 -3.61 -3.70 32.99
C ILE A 255 -2.88 -2.66 32.16
N ILE A 256 -1.82 -3.08 31.46
CA ILE A 256 -1.07 -2.21 30.53
C ILE A 256 -1.82 -2.04 29.20
N MET A 257 -2.70 -2.97 28.86
CA MET A 257 -3.53 -2.82 27.68
C MET A 257 -4.86 -2.16 28.04
N SER A 258 -5.19 -2.06 29.33
CA SER A 258 -6.41 -1.38 29.77
C SER A 258 -6.37 0.12 29.48
N ILE A 259 -5.16 0.68 29.35
CA ILE A 259 -5.05 2.10 29.05
C ILE A 259 -5.78 2.42 27.75
N SER A 260 -5.80 1.49 26.80
CA SER A 260 -6.43 1.76 25.51
C SER A 260 -7.94 1.95 25.61
N GLN A 261 -8.61 1.06 26.34
CA GLN A 261 -10.05 1.19 26.50
C GLN A 261 -10.38 2.39 27.37
N ILE A 262 -9.53 2.70 28.36
CA ILE A 262 -9.72 3.91 29.16
C ILE A 262 -9.59 5.18 28.29
N SER A 263 -8.53 5.26 27.47
CA SER A 263 -8.35 6.37 26.55
C SER A 263 -9.48 6.45 25.54
N GLU A 264 -9.95 5.28 25.06
CA GLU A 264 -11.10 5.16 24.17
C GLU A 264 -12.32 5.83 24.78
N THR A 265 -12.52 5.62 26.08
CA THR A 265 -13.64 6.30 26.74
C THR A 265 -13.39 7.81 26.89
N LEU A 266 -12.23 8.19 27.43
CA LEU A 266 -12.08 9.61 27.76
C LEU A 266 -11.81 10.51 26.55
N PHE A 267 -11.27 9.98 25.45
CA PHE A 267 -11.07 10.79 24.25
C PHE A 267 -12.40 11.17 23.57
N ILE A 268 -13.52 10.54 23.94
CA ILE A 268 -14.80 10.94 23.36
C ILE A 268 -15.16 12.38 23.72
N LEU A 269 -14.61 12.84 24.83
CA LEU A 269 -14.87 14.20 25.33
C LEU A 269 -14.14 15.25 24.48
N THR A 270 -13.08 14.87 23.80
CA THR A 270 -12.31 15.81 22.95
C THR A 270 -12.85 15.80 21.52
N ILE A 271 -13.88 15.02 21.24
CA ILE A 271 -14.30 14.92 19.82
C ILE A 271 -15.03 16.17 19.41
N PRO A 272 -15.96 16.74 20.18
CA PRO A 272 -16.66 17.95 19.73
C PRO A 272 -15.70 19.06 19.36
N PHE A 273 -14.62 19.19 20.13
CA PHE A 273 -13.62 20.23 19.89
C PHE A 273 -12.86 20.02 18.57
N PHE A 274 -12.36 18.81 18.32
CA PHE A 274 -11.54 18.64 17.13
C PHE A 274 -12.41 18.65 15.89
N LEU A 275 -13.66 18.25 16.04
CA LEU A 275 -14.59 18.32 14.92
C LEU A 275 -14.84 19.78 14.55
N SER A 276 -15.16 20.61 15.56
CA SER A 276 -15.37 22.04 15.36
C SER A 276 -14.12 22.76 14.86
N ARG A 277 -12.97 22.50 15.50
CA ARG A 277 -11.73 23.20 15.21
C ARG A 277 -11.15 22.83 13.85
N TYR A 278 -11.07 21.54 13.52
CA TYR A 278 -10.36 21.21 12.30
C TYR A 278 -11.27 20.75 11.19
N GLY A 279 -12.37 20.11 11.51
CA GLY A 279 -13.22 19.60 10.47
C GLY A 279 -12.97 18.13 10.21
N ILE A 280 -13.69 17.66 9.21
CA ILE A 280 -13.92 16.23 9.04
C ILE A 280 -12.70 15.52 8.44
N LYS A 281 -12.18 16.02 7.30
CA LYS A 281 -11.04 15.37 6.67
C LYS A 281 -9.84 15.41 7.61
N ASN A 282 -9.67 16.54 8.31
CA ASN A 282 -8.52 16.71 9.19
C ASN A 282 -8.56 15.68 10.29
N VAL A 283 -9.73 15.49 10.90
CA VAL A 283 -9.91 14.53 11.98
C VAL A 283 -9.66 13.12 11.47
N MET A 284 -10.13 12.83 10.23
CA MET A 284 -9.80 11.54 9.62
C MET A 284 -8.30 11.36 9.52
N MET A 285 -7.58 12.43 9.14
CA MET A 285 -6.14 12.33 8.95
C MET A 285 -5.42 12.10 10.27
N ILE A 286 -5.84 12.80 11.31
CA ILE A 286 -5.26 12.61 12.64
C ILE A 286 -5.55 11.20 13.14
N SER A 287 -6.77 10.71 12.91
CA SER A 287 -7.03 9.31 13.19
C SER A 287 -5.98 8.42 12.54
N ILE A 288 -5.74 8.62 11.25
CA ILE A 288 -4.83 7.76 10.50
C ILE A 288 -3.41 7.84 11.08
N VAL A 289 -2.92 9.06 11.30
CA VAL A 289 -1.59 9.20 11.86
C VAL A 289 -1.51 8.52 13.23
N ALA A 290 -2.56 8.66 14.05
CA ALA A 290 -2.57 8.01 15.35
C ALA A 290 -2.52 6.48 15.24
N TRP A 291 -3.15 5.88 14.21
CA TRP A 291 -2.98 4.44 13.98
C TRP A 291 -1.55 4.09 13.55
N ILE A 292 -0.93 4.94 12.72
CA ILE A 292 0.46 4.71 12.33
C ILE A 292 1.36 4.75 13.57
N LEU A 293 1.13 5.74 14.43
CA LEU A 293 1.88 5.87 15.68
C LEU A 293 1.61 4.68 16.57
N ARG A 294 0.35 4.26 16.63
CA ARG A 294 -0.06 3.15 17.49
C ARG A 294 0.73 1.88 17.14
N PHE A 295 0.81 1.56 15.85
CA PHE A 295 1.52 0.34 15.48
C PHE A 295 3.03 0.50 15.64
N ALA A 296 3.58 1.67 15.23
CA ALA A 296 5.03 1.88 15.29
C ALA A 296 5.54 1.90 16.74
N LEU A 297 4.78 2.47 17.67
CA LEU A 297 5.19 2.43 19.06
C LEU A 297 5.16 1.01 19.61
N PHE A 298 4.28 0.15 19.07
CA PHE A 298 4.29 -1.26 19.44
C PHE A 298 5.52 -1.98 18.90
N ALA A 299 6.01 -1.60 17.72
CA ALA A 299 7.18 -2.27 17.16
C ALA A 299 8.44 -2.01 17.98
N TYR A 300 8.63 -0.77 18.45
CA TYR A 300 9.81 -0.36 19.22
C TYR A 300 9.57 -0.38 20.72
N GLY A 301 8.48 -1.00 21.16
CA GLY A 301 8.14 -1.07 22.58
C GLY A 301 8.68 -2.29 23.31
N ASP A 302 9.27 -2.05 24.46
CA ASP A 302 9.91 -3.07 25.30
C ASP A 302 9.25 -3.01 26.65
N PRO A 303 9.46 -4.01 27.50
CA PRO A 303 9.25 -3.83 28.94
C PRO A 303 10.34 -3.00 29.62
N THR A 304 11.21 -2.35 28.84
CA THR A 304 12.29 -1.51 29.36
C THR A 304 11.74 -0.19 29.85
N PRO A 305 12.58 0.64 30.46
CA PRO A 305 12.11 1.97 30.87
C PRO A 305 11.63 2.83 29.72
N PHE A 306 12.41 2.97 28.65
CA PHE A 306 11.90 3.75 27.52
C PHE A 306 10.86 2.96 26.72
N GLY A 307 11.04 1.63 26.68
CA GLY A 307 10.11 0.81 25.94
C GLY A 307 8.73 0.91 26.53
N THR A 308 8.64 0.87 27.87
CA THR A 308 7.38 1.01 28.60
C THR A 308 6.70 2.33 28.28
N VAL A 309 7.49 3.42 28.19
CA VAL A 309 6.92 4.73 27.86
C VAL A 309 6.29 4.68 26.48
N LEU A 310 7.00 4.10 25.51
CA LEU A 310 6.47 4.03 24.15
C LEU A 310 5.19 3.20 24.11
N LEU A 311 5.18 2.11 24.88
CA LEU A 311 4.00 1.25 24.94
C LEU A 311 2.82 2.00 25.53
N VAL A 312 3.03 2.72 26.64
CA VAL A 312 1.96 3.42 27.31
C VAL A 312 1.46 4.56 26.46
N LEU A 313 2.35 5.18 25.68
CA LEU A 313 1.90 6.27 24.83
C LEU A 313 1.10 5.77 23.64
N SER A 314 1.46 4.62 23.07
CA SER A 314 0.59 4.06 22.03
C SER A 314 -0.75 3.61 22.62
N MET A 315 -0.76 3.14 23.88
CA MET A 315 -2.05 2.80 24.46
C MET A 315 -2.90 4.05 24.67
N ILE A 316 -2.27 5.18 24.96
CA ILE A 316 -3.05 6.40 25.03
C ILE A 316 -3.54 6.78 23.63
N VAL A 317 -2.64 6.70 22.64
CA VAL A 317 -2.91 7.10 21.25
C VAL A 317 -3.99 6.24 20.59
N TYR A 318 -4.20 5.02 21.08
CA TYR A 318 -5.22 4.15 20.49
C TYR A 318 -6.61 4.73 20.64
N GLY A 319 -6.93 5.30 21.80
CA GLY A 319 -8.25 5.88 21.98
C GLY A 319 -8.52 6.98 20.98
N CYS A 320 -7.52 7.85 20.74
CA CYS A 320 -7.67 8.87 19.72
C CYS A 320 -7.91 8.26 18.34
N ALA A 321 -7.13 7.25 17.98
CA ALA A 321 -7.30 6.71 16.63
C ALA A 321 -8.69 6.12 16.45
N PHE A 322 -9.12 5.29 17.41
CA PHE A 322 -10.38 4.57 17.33
C PHE A 322 -11.57 5.52 17.34
N ASP A 323 -11.63 6.40 18.36
CA ASP A 323 -12.77 7.29 18.51
C ASP A 323 -12.87 8.20 17.31
N PHE A 324 -11.72 8.83 16.97
CA PHE A 324 -11.73 9.81 15.91
C PHE A 324 -12.12 9.16 14.59
N PHE A 325 -11.65 7.93 14.33
CA PHE A 325 -12.01 7.34 13.04
C PHE A 325 -13.49 7.05 12.94
N ASN A 326 -14.11 6.54 14.01
CA ASN A 326 -15.54 6.30 13.87
C ASN A 326 -16.31 7.60 13.71
N ILE A 327 -15.97 8.65 14.49
CA ILE A 327 -16.76 9.88 14.38
C ILE A 327 -16.58 10.54 13.02
N SER A 328 -15.33 10.75 12.59
CA SER A 328 -15.15 11.46 11.34
C SER A 328 -15.67 10.64 10.15
N GLY A 329 -15.51 9.31 10.15
CA GLY A 329 -16.08 8.56 9.06
C GLY A 329 -17.59 8.67 9.05
N SER A 330 -18.22 8.54 10.22
CA SER A 330 -19.67 8.59 10.25
C SER A 330 -20.16 9.92 9.72
N VAL A 331 -19.54 11.01 10.15
CA VAL A 331 -19.96 12.36 9.78
C VAL A 331 -19.62 12.69 8.32
N PHE A 332 -18.44 12.27 7.80
CA PHE A 332 -18.14 12.52 6.40
C PHE A 332 -19.13 11.80 5.51
N VAL A 333 -19.36 10.52 5.83
CA VAL A 333 -20.31 9.70 5.12
C VAL A 333 -21.67 10.37 5.13
N GLU A 334 -22.08 10.87 6.30
CA GLU A 334 -23.34 11.59 6.43
C GLU A 334 -23.33 12.88 5.60
N LYS A 335 -22.21 13.60 5.58
CA LYS A 335 -22.17 14.87 4.86
C LYS A 335 -22.40 14.68 3.37
N GLU A 336 -22.15 13.50 2.82
CA GLU A 336 -22.37 13.27 1.39
C GLU A 336 -23.49 12.26 1.22
N VAL A 337 -24.61 12.55 1.85
CA VAL A 337 -25.76 11.69 1.73
C VAL A 337 -26.96 12.58 1.52
N SER A 338 -27.98 12.13 0.78
CA SER A 338 -29.19 12.92 0.82
C SER A 338 -29.69 12.92 2.26
N PRO A 339 -30.28 14.03 2.74
CA PRO A 339 -30.62 14.07 4.16
C PRO A 339 -31.54 12.94 4.63
N ALA A 340 -32.31 12.30 3.72
CA ALA A 340 -33.08 11.12 4.08
C ALA A 340 -32.18 9.87 4.30
N ILE A 341 -31.15 9.66 3.47
CA ILE A 341 -30.33 8.45 3.60
C ILE A 341 -29.30 8.56 4.73
N ARG A 342 -29.42 9.56 5.61
CA ARG A 342 -28.29 9.99 6.44
C ARG A 342 -28.12 9.11 7.68
N ALA A 343 -29.21 8.66 8.29
CA ALA A 343 -29.05 7.75 9.42
C ALA A 343 -28.58 6.38 8.94
N SER A 344 -29.08 5.94 7.78
CA SER A 344 -28.66 4.65 7.23
C SER A 344 -27.19 4.67 6.77
N ALA A 345 -26.70 5.81 6.25
CA ALA A 345 -25.30 5.91 5.88
C ALA A 345 -24.40 5.75 7.10
N GLN A 346 -24.76 6.37 8.22
CA GLN A 346 -23.98 6.18 9.43
C GLN A 346 -24.04 4.73 9.89
N GLY A 347 -25.21 4.09 9.77
CA GLY A 347 -25.30 2.70 10.17
C GLY A 347 -24.46 1.77 9.28
N MET A 348 -24.49 1.99 7.97
CA MET A 348 -23.69 1.13 7.12
C MET A 348 -22.21 1.41 7.31
N PHE A 349 -21.80 2.67 7.58
CA PHE A 349 -20.37 2.92 7.80
C PHE A 349 -19.86 2.13 9.01
N LEU A 350 -20.60 2.15 10.11
CA LEU A 350 -20.13 1.43 11.29
C LEU A 350 -20.15 -0.08 11.10
N MET A 351 -21.17 -0.65 10.47
CA MET A 351 -21.11 -2.10 10.37
C MET A 351 -20.13 -2.53 9.28
N MET A 352 -20.02 -1.77 8.20
CA MET A 352 -19.00 -2.08 7.22
C MET A 352 -17.62 -1.96 7.87
N THR A 353 -17.37 -0.85 8.59
CA THR A 353 -16.04 -0.61 9.14
C THR A 353 -15.71 -1.65 10.19
N ASN A 354 -16.46 -1.67 11.28
CA ASN A 354 -16.13 -2.57 12.38
C ASN A 354 -16.55 -4.00 12.09
N GLY A 355 -17.78 -4.24 11.62
CA GLY A 355 -18.23 -5.61 11.42
C GLY A 355 -17.48 -6.30 10.30
N PHE A 356 -17.43 -5.71 9.10
CA PHE A 356 -16.71 -6.41 8.05
C PHE A 356 -15.19 -6.30 8.22
N GLY A 357 -14.69 -5.15 8.72
CA GLY A 357 -13.29 -5.05 9.04
C GLY A 357 -12.86 -6.09 10.05
N CYS A 358 -13.80 -6.58 10.90
CA CYS A 358 -13.45 -7.56 11.92
C CYS A 358 -13.20 -8.95 11.35
N ILE A 359 -14.00 -9.39 10.35
CA ILE A 359 -13.72 -10.66 9.67
C ILE A 359 -12.43 -10.54 8.89
N LEU A 360 -12.34 -9.48 8.08
CA LEU A 360 -11.22 -9.30 7.18
C LEU A 360 -9.91 -9.21 7.97
N GLY A 361 -9.90 -8.34 8.99
CA GLY A 361 -8.74 -8.13 9.83
C GLY A 361 -8.39 -9.33 10.67
N GLY A 362 -9.39 -10.07 11.18
CA GLY A 362 -9.03 -11.22 11.98
C GLY A 362 -8.23 -12.22 11.20
N ILE A 363 -8.75 -12.63 10.04
CA ILE A 363 -8.03 -13.62 9.22
C ILE A 363 -6.68 -13.07 8.72
N VAL A 364 -6.67 -11.79 8.32
CA VAL A 364 -5.45 -11.17 7.78
C VAL A 364 -4.36 -11.03 8.86
N SER A 365 -4.68 -10.41 9.99
CA SER A 365 -3.65 -10.23 10.99
C SER A 365 -3.15 -11.57 11.48
N GLY A 366 -4.06 -12.55 11.58
CA GLY A 366 -3.64 -13.86 12.00
C GLY A 366 -2.61 -14.47 11.07
N LYS A 367 -2.84 -14.37 9.75
CA LYS A 367 -1.83 -14.90 8.82
C LYS A 367 -0.51 -14.13 8.93
N VAL A 368 -0.56 -12.84 9.25
CA VAL A 368 0.68 -12.08 9.43
C VAL A 368 1.47 -12.58 10.63
N VAL A 369 0.80 -12.75 11.78
CA VAL A 369 1.47 -13.26 12.98
C VAL A 369 2.01 -14.67 12.72
N GLU A 370 1.23 -15.50 12.01
CA GLU A 370 1.70 -16.85 11.68
C GLU A 370 2.96 -16.80 10.83
N MET A 371 2.99 -15.89 9.84
CA MET A 371 4.13 -15.82 8.93
C MET A 371 5.42 -15.47 9.67
N TYR A 372 5.33 -14.58 10.64
CA TYR A 372 6.50 -14.07 11.33
C TYR A 372 6.68 -14.73 12.69
N THR A 373 6.20 -15.96 12.84
CA THR A 373 6.45 -16.82 13.98
C THR A 373 7.26 -17.97 13.44
N GLN A 374 8.43 -18.21 14.04
CA GLN A 374 9.26 -19.35 13.70
C GLN A 374 9.83 -19.92 14.99
N ASN A 375 9.63 -21.22 15.21
CA ASN A 375 10.04 -21.93 16.43
C ASN A 375 9.24 -21.52 17.65
N GLY A 376 7.98 -21.11 17.44
CA GLY A 376 7.12 -20.61 18.48
C GLY A 376 7.35 -19.17 18.86
N ILE A 377 8.30 -18.47 18.23
CA ILE A 377 8.65 -17.09 18.57
C ILE A 377 8.20 -16.15 17.46
N THR A 378 7.38 -15.16 17.83
CA THR A 378 6.86 -14.17 16.91
C THR A 378 7.81 -12.97 16.93
N ASP A 379 8.11 -12.43 15.74
CA ASP A 379 8.94 -11.24 15.62
C ASP A 379 7.99 -10.05 15.56
N TRP A 380 7.57 -9.64 16.74
CA TRP A 380 6.53 -8.64 16.87
C TRP A 380 6.93 -7.32 16.25
N GLN A 381 8.24 -7.04 16.18
CA GLN A 381 8.72 -5.83 15.53
C GLN A 381 8.35 -5.81 14.03
N THR A 382 8.57 -6.93 13.32
CA THR A 382 8.21 -6.97 11.90
C THR A 382 6.70 -6.94 11.73
N VAL A 383 5.97 -7.62 12.58
CA VAL A 383 4.51 -7.65 12.48
C VAL A 383 3.94 -6.25 12.68
N TRP A 384 4.36 -5.59 13.76
CA TRP A 384 3.80 -4.28 14.07
C TRP A 384 4.19 -3.28 13.01
N LEU A 385 5.42 -3.40 12.48
CA LEU A 385 5.81 -2.52 11.40
C LEU A 385 4.99 -2.78 10.14
N ILE A 386 4.66 -4.03 9.86
CA ILE A 386 3.83 -4.33 8.68
C ILE A 386 2.53 -3.54 8.79
N PHE A 387 1.87 -3.66 9.94
CA PHE A 387 0.60 -2.97 10.07
C PHE A 387 0.78 -1.46 10.07
N ALA A 388 1.88 -0.95 10.64
CA ALA A 388 2.13 0.49 10.61
C ALA A 388 2.29 1.00 9.18
N GLY A 389 2.97 0.23 8.32
CA GLY A 389 3.09 0.61 6.93
C GLY A 389 1.74 0.60 6.23
N TYR A 390 0.91 -0.40 6.57
CA TYR A 390 -0.44 -0.45 6.01
C TYR A 390 -1.22 0.79 6.42
N SER A 391 -1.04 1.20 7.67
CA SER A 391 -1.63 2.43 8.17
C SER A 391 -1.16 3.64 7.37
N VAL A 392 0.14 3.70 7.07
CA VAL A 392 0.70 4.83 6.33
C VAL A 392 0.07 4.92 4.95
N VAL A 393 -0.04 3.80 4.28
CA VAL A 393 -0.52 3.88 2.91
C VAL A 393 -2.01 4.15 2.89
N LEU A 394 -2.74 3.63 3.89
CA LEU A 394 -4.13 4.03 3.98
C LEU A 394 -4.23 5.53 4.17
N ALA A 395 -3.25 6.15 4.84
CA ALA A 395 -3.22 7.62 4.92
C ALA A 395 -3.13 8.21 3.52
N PHE A 396 -2.30 7.63 2.67
CA PHE A 396 -2.15 8.20 1.33
C PHE A 396 -3.40 7.95 0.47
N ALA A 397 -4.04 6.80 0.62
CA ALA A 397 -5.28 6.55 -0.11
C ALA A 397 -6.38 7.50 0.33
N PHE A 398 -6.51 7.74 1.64
CA PHE A 398 -7.52 8.68 2.09
C PHE A 398 -7.21 10.09 1.59
N MET A 399 -5.94 10.51 1.60
CA MET A 399 -5.61 11.84 1.08
C MET A 399 -5.94 11.95 -0.40
N ALA A 400 -5.61 10.90 -1.17
CA ALA A 400 -5.95 10.86 -2.58
C ALA A 400 -7.46 10.91 -2.78
N MET A 401 -8.22 10.28 -1.89
CA MET A 401 -9.67 10.38 -1.96
C MET A 401 -10.14 11.82 -1.73
N PHE A 402 -9.61 12.47 -0.69
CA PHE A 402 -10.09 13.80 -0.32
C PHE A 402 -9.70 14.85 -1.34
N LYS A 403 -8.57 14.68 -2.04
CA LYS A 403 -8.11 15.67 -3.02
C LYS A 403 -8.65 15.40 -4.41
N TYR A 404 -9.43 14.35 -4.59
CA TYR A 404 -10.02 14.03 -5.88
C TYR A 404 -11.34 14.79 -6.03
N LYS A 405 -11.54 15.40 -7.20
CA LYS A 405 -12.72 16.23 -7.41
C LYS A 405 -13.19 16.23 -8.87
N MET B 1 38.20 5.56 -41.75
CA MET B 1 37.80 6.13 -40.46
C MET B 1 38.48 5.42 -39.29
N ASN B 2 38.85 6.18 -38.27
CA ASN B 2 39.32 5.56 -37.03
C ASN B 2 38.16 4.77 -36.43
N LEU B 3 38.43 3.50 -36.07
CA LEU B 3 37.35 2.65 -35.56
C LEU B 3 36.84 3.12 -34.20
N LYS B 4 37.72 3.57 -33.31
CA LYS B 4 37.27 4.08 -32.02
C LYS B 4 36.38 5.30 -32.23
N LEU B 5 36.77 6.18 -33.13
CA LEU B 5 35.97 7.35 -33.43
C LEU B 5 34.61 6.93 -34.00
N GLN B 6 34.62 5.93 -34.87
CA GLN B 6 33.40 5.51 -35.55
C GLN B 6 32.41 4.91 -34.58
N LEU B 7 32.89 4.06 -33.68
CA LEU B 7 31.96 3.47 -32.74
C LEU B 7 31.48 4.50 -31.73
N LYS B 8 32.33 5.48 -31.39
CA LYS B 8 31.88 6.53 -30.49
C LYS B 8 30.81 7.42 -31.11
N ILE B 9 30.98 7.78 -32.39
CA ILE B 9 29.96 8.53 -33.10
C ILE B 9 28.67 7.72 -33.20
N LEU B 10 28.80 6.41 -33.41
CA LEU B 10 27.64 5.54 -33.49
C LEU B 10 26.88 5.55 -32.16
N SER B 11 27.59 5.46 -31.04
CA SER B 11 26.94 5.45 -29.75
C SER B 11 26.26 6.80 -29.48
N PHE B 12 26.96 7.89 -29.82
CA PHE B 12 26.40 9.21 -29.61
C PHE B 12 25.09 9.36 -30.39
N LEU B 13 25.10 8.98 -31.65
CA LEU B 13 23.89 9.15 -32.49
C LEU B 13 22.76 8.25 -32.00
N GLN B 14 23.07 7.12 -31.40
CA GLN B 14 22.05 6.14 -30.92
C GLN B 14 21.20 6.70 -29.79
N PHE B 15 21.78 7.30 -28.78
CA PHE B 15 20.95 7.81 -27.66
C PHE B 15 20.57 9.25 -27.90
N CYS B 16 21.25 9.87 -28.83
CA CYS B 16 21.05 11.28 -29.22
C CYS B 16 19.78 11.40 -30.03
N LEU B 17 19.35 10.33 -30.67
CA LEU B 17 18.12 10.32 -31.47
C LEU B 17 16.92 9.99 -30.57
N TRP B 18 17.17 9.31 -29.47
CA TRP B 18 16.15 8.86 -28.49
C TRP B 18 15.85 9.96 -27.47
N GLY B 19 16.88 10.65 -27.03
CA GLY B 19 16.78 11.75 -26.08
C GLY B 19 16.26 13.03 -26.71
N SER B 20 16.03 13.03 -28.01
CA SER B 20 15.48 14.21 -28.66
C SER B 20 14.02 14.42 -28.29
N TRP B 21 13.32 13.33 -27.99
CA TRP B 21 11.89 13.34 -27.75
C TRP B 21 11.43 12.58 -26.52
N LEU B 22 12.22 11.63 -26.01
CA LEU B 22 11.76 10.67 -24.99
C LEU B 22 11.37 11.30 -23.67
N THR B 23 12.17 12.24 -23.22
CA THR B 23 11.85 12.99 -22.03
C THR B 23 10.69 13.95 -22.29
N THR B 24 10.65 14.56 -23.46
CA THR B 24 9.75 15.66 -23.79
C THR B 24 8.44 15.27 -24.46
N LEU B 25 8.28 14.02 -24.89
CA LEU B 25 7.08 13.68 -25.65
C LEU B 25 5.82 13.89 -24.80
N GLY B 26 5.88 13.59 -23.50
CA GLY B 26 4.68 13.82 -22.71
C GLY B 26 4.24 15.26 -22.72
N SER B 27 5.06 16.19 -22.27
CA SER B 27 4.65 17.58 -22.26
C SER B 27 4.33 18.08 -23.65
N TYR B 28 4.88 17.46 -24.70
CA TYR B 28 4.44 17.81 -26.04
C TYR B 28 2.98 17.40 -26.24
N MET B 29 2.64 16.17 -25.88
CA MET B 29 1.28 15.68 -26.03
C MET B 29 0.31 16.44 -25.13
N PHE B 30 0.70 16.74 -23.91
CA PHE B 30 -0.17 17.47 -23.01
C PHE B 30 -0.28 18.94 -23.41
N VAL B 31 0.87 19.61 -23.53
CA VAL B 31 0.91 21.05 -23.71
C VAL B 31 0.46 21.48 -25.10
N THR B 32 0.86 20.74 -26.14
CA THR B 32 0.57 21.11 -27.53
C THR B 32 -0.62 20.35 -28.10
N LEU B 33 -0.56 19.03 -28.12
CA LEU B 33 -1.59 18.25 -28.78
C LEU B 33 -2.79 18.00 -27.88
N LYS B 34 -2.69 18.41 -26.61
CA LYS B 34 -3.74 18.31 -25.59
C LYS B 34 -4.25 16.87 -25.42
N PHE B 35 -3.35 15.92 -25.14
CA PHE B 35 -3.77 14.60 -24.70
C PHE B 35 -4.02 14.61 -23.20
N ASP B 36 -4.71 13.58 -22.72
CA ASP B 36 -4.86 13.45 -21.28
C ASP B 36 -3.75 12.58 -20.73
N GLY B 37 -3.57 12.62 -19.42
CA GLY B 37 -2.48 11.87 -18.83
C GLY B 37 -2.60 10.38 -19.10
N ALA B 38 -3.84 9.87 -19.19
CA ALA B 38 -4.02 8.46 -19.49
C ALA B 38 -3.52 8.13 -20.88
N SER B 39 -3.82 8.97 -21.88
CA SER B 39 -3.36 8.59 -23.21
C SER B 39 -1.87 8.77 -23.34
N ILE B 40 -1.31 9.80 -22.70
CA ILE B 40 0.14 9.97 -22.74
C ILE B 40 0.84 8.79 -22.08
N GLY B 41 0.29 8.32 -20.96
CA GLY B 41 0.81 7.12 -20.33
C GLY B 41 0.68 5.91 -21.21
N ALA B 42 -0.38 5.85 -22.03
CA ALA B 42 -0.48 4.73 -22.96
C ALA B 42 0.61 4.82 -24.01
N VAL B 43 0.84 6.03 -24.55
CA VAL B 43 1.86 6.22 -25.58
C VAL B 43 3.23 5.80 -25.03
N TYR B 44 3.51 6.15 -23.77
CA TYR B 44 4.76 5.72 -23.16
C TYR B 44 4.75 4.22 -22.86
N SER B 45 3.57 3.61 -22.68
CA SER B 45 3.51 2.19 -22.39
C SER B 45 3.99 1.32 -23.56
N SER B 46 4.00 1.82 -24.79
CA SER B 46 4.44 0.99 -25.91
C SER B 46 5.89 0.51 -25.77
N LEU B 47 6.79 1.37 -25.23
CA LEU B 47 8.21 1.00 -25.14
C LEU B 47 8.42 -0.25 -24.28
N GLY B 48 7.61 -0.43 -23.23
CA GLY B 48 7.70 -1.64 -22.46
C GLY B 48 7.30 -2.86 -23.26
N ILE B 49 6.24 -2.73 -24.07
CA ILE B 49 5.76 -3.86 -24.87
C ILE B 49 6.77 -4.19 -25.95
N ALA B 50 7.45 -3.17 -26.50
CA ALA B 50 8.54 -3.39 -27.44
C ALA B 50 9.75 -4.04 -26.75
N ALA B 51 10.11 -3.55 -25.56
CA ALA B 51 11.28 -4.08 -24.89
C ALA B 51 11.10 -5.55 -24.55
N VAL B 52 9.90 -5.95 -24.12
CA VAL B 52 9.66 -7.34 -23.74
C VAL B 52 9.84 -8.29 -24.93
N PHE B 53 9.71 -7.77 -26.14
CA PHE B 53 9.97 -8.56 -27.33
C PHE B 53 11.39 -8.43 -27.85
N MET B 54 12.15 -7.47 -27.32
CA MET B 54 13.52 -7.29 -27.81
C MET B 54 14.37 -8.55 -27.71
N PRO B 55 14.28 -9.39 -26.64
CA PRO B 55 15.04 -10.65 -26.66
C PRO B 55 14.57 -11.60 -27.75
N ALA B 56 13.28 -11.64 -28.04
CA ALA B 56 12.81 -12.58 -29.06
C ALA B 56 13.42 -12.25 -30.41
N LEU B 57 13.32 -10.98 -30.81
CA LEU B 57 13.81 -10.60 -32.12
C LEU B 57 15.34 -10.60 -32.16
N LEU B 58 16.01 -10.28 -31.03
CA LEU B 58 17.46 -10.38 -31.03
C LEU B 58 17.89 -11.83 -31.21
N GLY B 59 17.13 -12.75 -30.64
CA GLY B 59 17.38 -14.16 -30.86
C GLY B 59 17.14 -14.54 -32.30
N ILE B 60 16.11 -13.99 -32.94
CA ILE B 60 15.92 -14.37 -34.34
C ILE B 60 17.07 -13.82 -35.17
N VAL B 61 17.64 -12.66 -34.83
CA VAL B 61 18.77 -12.20 -35.62
C VAL B 61 19.92 -13.17 -35.48
N ALA B 62 20.22 -13.56 -34.23
CA ALA B 62 21.36 -14.44 -33.94
C ALA B 62 21.18 -15.83 -34.56
N ASP B 63 19.97 -16.39 -34.46
CA ASP B 63 19.75 -17.77 -34.89
C ASP B 63 19.85 -17.91 -36.40
N LYS B 64 19.18 -17.02 -37.15
CA LYS B 64 19.27 -17.09 -38.60
C LYS B 64 20.27 -16.09 -39.19
N TRP B 65 21.33 -15.76 -38.43
CA TRP B 65 22.58 -15.27 -38.99
C TRP B 65 22.45 -13.96 -39.77
N LEU B 66 21.47 -13.14 -39.39
CA LEU B 66 21.38 -11.82 -39.98
C LEU B 66 22.56 -11.00 -39.48
N SER B 67 23.01 -10.05 -40.30
CA SER B 67 24.19 -9.26 -39.93
C SER B 67 23.72 -8.03 -39.19
N ALA B 68 24.26 -7.84 -37.97
CA ALA B 68 23.76 -6.76 -37.11
C ALA B 68 23.86 -5.40 -37.79
N LYS B 69 24.90 -5.18 -38.59
CA LYS B 69 25.06 -3.87 -39.20
C LYS B 69 23.81 -3.54 -40.00
N TRP B 70 23.40 -4.46 -40.85
CA TRP B 70 22.33 -4.17 -41.78
C TRP B 70 20.96 -4.15 -41.09
N VAL B 71 20.72 -5.10 -40.18
CA VAL B 71 19.45 -5.08 -39.44
C VAL B 71 19.32 -3.78 -38.67
N TYR B 72 20.42 -3.34 -38.04
CA TYR B 72 20.51 -2.07 -37.35
C TYR B 72 20.19 -0.90 -38.27
N ALA B 73 20.74 -0.94 -39.48
CA ALA B 73 20.45 0.11 -40.46
C ALA B 73 18.96 0.13 -40.84
N ILE B 74 18.35 -1.04 -41.10
CA ILE B 74 16.91 -1.08 -41.44
C ILE B 74 16.06 -0.59 -40.27
N CYS B 75 16.45 -0.93 -39.04
CA CYS B 75 15.62 -0.49 -37.92
C CYS B 75 15.73 1.00 -37.71
N HIS B 76 16.88 1.58 -38.00
CA HIS B 76 16.92 3.04 -37.98
C HIS B 76 16.16 3.64 -39.17
N THR B 77 16.18 3.00 -40.34
CA THR B 77 15.39 3.53 -41.44
C THR B 77 13.91 3.58 -41.06
N ILE B 78 13.45 2.51 -40.39
CA ILE B 78 12.09 2.45 -39.87
C ILE B 78 11.88 3.47 -38.76
N GLY B 79 12.90 3.65 -37.89
CA GLY B 79 12.82 4.63 -36.82
C GLY B 79 12.74 6.06 -37.32
N ALA B 80 13.49 6.39 -38.37
CA ALA B 80 13.42 7.73 -38.96
C ALA B 80 12.08 7.97 -39.65
N ILE B 81 11.57 6.98 -40.40
CA ILE B 81 10.27 7.19 -41.02
C ILE B 81 9.23 7.37 -39.95
N THR B 82 9.35 6.58 -38.87
CA THR B 82 8.36 6.62 -37.81
C THR B 82 8.41 7.90 -37.00
N LEU B 83 9.60 8.42 -36.71
CA LEU B 83 9.59 9.68 -35.99
C LEU B 83 9.04 10.79 -36.89
N PHE B 84 9.27 10.66 -38.21
CA PHE B 84 8.74 11.62 -39.17
C PHE B 84 7.22 11.60 -39.17
N MET B 85 6.63 10.40 -39.10
CA MET B 85 5.17 10.30 -38.99
C MET B 85 4.70 10.84 -37.65
N ALA B 86 5.47 10.56 -36.59
CA ALA B 86 5.06 10.95 -35.25
C ALA B 86 4.84 12.45 -35.18
N ALA B 87 5.69 13.21 -35.86
CA ALA B 87 5.55 14.66 -35.81
C ALA B 87 4.25 15.17 -36.43
N GLN B 88 3.36 14.28 -36.88
CA GLN B 88 2.10 14.73 -37.47
C GLN B 88 0.81 14.11 -36.90
N VAL B 89 0.88 13.32 -35.82
CA VAL B 89 -0.21 12.38 -35.56
C VAL B 89 -1.50 13.04 -35.06
N THR B 90 -1.42 14.06 -34.19
CA THR B 90 -2.57 14.82 -33.68
C THR B 90 -3.52 14.04 -32.75
N THR B 91 -3.81 12.77 -33.05
CA THR B 91 -4.70 11.94 -32.23
C THR B 91 -3.88 10.90 -31.49
N PRO B 92 -4.26 10.61 -30.25
CA PRO B 92 -3.50 9.64 -29.44
C PRO B 92 -3.39 8.24 -30.01
N GLU B 93 -4.46 7.67 -30.57
CA GLU B 93 -4.36 6.30 -31.01
C GLU B 93 -3.28 6.18 -32.06
N ALA B 94 -3.21 7.18 -32.95
CA ALA B 94 -2.18 7.20 -33.97
C ALA B 94 -0.80 7.38 -33.34
N MET B 95 -0.70 8.23 -32.31
CA MET B 95 0.60 8.44 -31.67
C MET B 95 1.11 7.12 -31.11
N PHE B 96 0.22 6.38 -30.44
CA PHE B 96 0.56 5.11 -29.84
C PHE B 96 0.99 4.13 -30.92
N LEU B 97 0.31 4.18 -32.07
CA LEU B 97 0.62 3.23 -33.12
C LEU B 97 1.99 3.46 -33.74
N VAL B 98 2.28 4.68 -34.14
CA VAL B 98 3.57 4.86 -34.78
C VAL B 98 4.68 4.80 -33.73
N ILE B 99 4.43 5.30 -32.51
CA ILE B 99 5.41 5.12 -31.44
C ILE B 99 5.58 3.65 -31.06
N LEU B 100 4.56 2.81 -31.29
CA LEU B 100 4.73 1.36 -31.17
C LEU B 100 5.71 0.85 -32.19
N ILE B 101 5.54 1.27 -33.45
CA ILE B 101 6.43 0.76 -34.50
C ILE B 101 7.85 1.30 -34.31
N ASN B 102 7.97 2.56 -33.93
CA ASN B 102 9.29 3.13 -33.68
C ASN B 102 9.98 2.42 -32.52
N SER B 103 9.25 2.08 -31.46
CA SER B 103 9.89 1.37 -30.37
C SER B 103 10.26 -0.05 -30.75
N PHE B 104 9.42 -0.71 -31.58
CA PHE B 104 9.77 -2.06 -32.00
C PHE B 104 11.06 -2.04 -32.81
N ALA B 105 11.24 -1.04 -33.68
CA ALA B 105 12.52 -0.94 -34.40
C ALA B 105 13.66 -0.53 -33.45
N TYR B 106 13.41 0.46 -32.58
CA TYR B 106 14.48 1.06 -31.79
C TYR B 106 15.05 0.19 -30.66
N MET B 107 14.20 -0.60 -29.98
CA MET B 107 14.69 -1.38 -28.84
C MET B 107 15.73 -2.43 -29.24
N PRO B 108 15.56 -3.17 -30.35
CA PRO B 108 16.60 -4.13 -30.75
C PRO B 108 17.95 -3.48 -31.06
N THR B 109 17.97 -2.21 -31.50
CA THR B 109 19.26 -1.58 -31.77
C THR B 109 20.11 -1.44 -30.51
N LEU B 110 19.46 -1.35 -29.34
CA LEU B 110 20.16 -1.26 -28.07
C LEU B 110 21.14 -2.41 -27.87
N GLY B 111 20.73 -3.65 -28.16
CA GLY B 111 21.67 -4.77 -28.20
C GLY B 111 22.47 -4.86 -29.48
N LEU B 112 21.86 -4.52 -30.61
CA LEU B 112 22.56 -4.67 -31.89
C LEU B 112 23.86 -3.86 -31.93
N ILE B 113 23.83 -2.63 -31.41
CA ILE B 113 25.04 -1.80 -31.43
C ILE B 113 26.15 -2.45 -30.62
N ASN B 114 25.81 -3.08 -29.48
CA ASN B 114 26.82 -3.78 -28.70
C ASN B 114 27.42 -4.89 -29.54
N THR B 115 26.59 -5.64 -30.25
CA THR B 115 27.16 -6.70 -31.07
C THR B 115 28.13 -6.11 -32.10
N ILE B 116 27.71 -4.99 -32.71
CA ILE B 116 28.50 -4.38 -33.78
C ILE B 116 29.88 -3.99 -33.26
N SER B 117 29.91 -3.33 -32.10
CA SER B 117 31.17 -2.84 -31.56
C SER B 117 32.07 -3.96 -31.03
N TYR B 118 31.52 -5.01 -30.40
CA TYR B 118 32.38 -6.08 -29.91
C TYR B 118 33.10 -6.76 -31.07
N TYR B 119 32.40 -7.07 -32.15
CA TYR B 119 33.04 -7.83 -33.26
C TYR B 119 33.89 -6.93 -34.15
N ARG B 120 33.61 -5.64 -34.14
CA ARG B 120 34.36 -4.63 -34.92
C ARG B 120 35.65 -4.35 -34.15
N LEU B 121 35.59 -4.22 -32.83
CA LEU B 121 36.76 -4.02 -31.99
C LEU B 121 37.64 -5.26 -31.99
N GLN B 122 37.01 -6.46 -31.95
CA GLN B 122 37.73 -7.74 -31.96
C GLN B 122 38.48 -7.93 -33.26
N ASN B 123 37.86 -7.58 -34.38
CA ASN B 123 38.52 -7.75 -35.66
C ASN B 123 39.80 -6.95 -35.69
N ALA B 124 39.75 -5.73 -35.17
CA ALA B 124 40.89 -4.81 -35.20
C ALA B 124 41.98 -5.20 -34.21
N GLY B 125 41.80 -6.24 -33.42
CA GLY B 125 42.83 -6.52 -32.47
C GLY B 125 42.85 -5.54 -31.33
N MET B 126 41.70 -5.02 -30.93
CA MET B 126 41.63 -4.06 -29.85
C MET B 126 41.17 -4.74 -28.55
N ASP B 127 41.49 -4.10 -27.41
CA ASP B 127 41.15 -4.63 -26.08
C ASP B 127 39.70 -4.27 -25.78
N ILE B 128 38.82 -5.26 -25.87
CA ILE B 128 37.39 -5.01 -25.74
C ILE B 128 37.03 -4.55 -24.32
N VAL B 129 37.73 -5.08 -23.33
CA VAL B 129 37.34 -4.88 -21.93
C VAL B 129 37.51 -3.43 -21.53
N THR B 130 38.58 -2.78 -21.99
CA THR B 130 38.85 -1.38 -21.68
C THR B 130 38.34 -0.45 -22.76
N ASP B 131 38.04 -0.96 -23.93
CA ASP B 131 37.58 -0.07 -24.98
C ASP B 131 36.07 0.12 -24.99
N PHE B 132 35.30 -0.76 -24.33
CA PHE B 132 33.85 -0.51 -24.31
C PHE B 132 33.41 0.70 -23.50
N PRO B 133 33.88 0.94 -22.26
CA PRO B 133 33.32 2.06 -21.46
C PRO B 133 33.49 3.42 -22.12
N PRO B 134 34.66 3.73 -22.73
CA PRO B 134 34.77 5.04 -23.40
C PRO B 134 33.77 5.22 -24.51
N ILE B 135 33.42 4.14 -25.21
CA ILE B 135 32.41 4.19 -26.28
C ILE B 135 31.02 4.35 -25.69
N ARG B 136 30.63 3.51 -24.74
CA ARG B 136 29.23 3.56 -24.33
C ARG B 136 28.91 4.85 -23.60
N ILE B 137 29.91 5.49 -22.99
CA ILE B 137 29.62 6.77 -22.34
C ILE B 137 29.24 7.86 -23.35
N TRP B 138 29.76 7.79 -24.59
CA TRP B 138 29.35 8.78 -25.58
C TRP B 138 27.87 8.66 -25.89
N GLY B 139 27.27 7.49 -25.72
CA GLY B 139 25.84 7.40 -25.81
C GLY B 139 25.15 8.19 -24.72
N THR B 140 25.68 8.12 -23.50
CA THR B 140 25.13 8.91 -22.41
C THR B 140 25.25 10.39 -22.73
N ILE B 141 26.41 10.76 -23.28
CA ILE B 141 26.70 12.12 -23.69
C ILE B 141 25.73 12.56 -24.79
N GLY B 142 25.48 11.69 -25.77
CA GLY B 142 24.55 12.02 -26.86
C GLY B 142 23.14 12.25 -26.38
N PHE B 143 22.65 11.38 -25.48
CA PHE B 143 21.29 11.52 -24.94
C PHE B 143 21.14 12.83 -24.18
N ILE B 144 22.10 13.14 -23.29
CA ILE B 144 22.01 14.39 -22.54
C ILE B 144 22.17 15.60 -23.46
N MET B 145 23.08 15.53 -24.43
CA MET B 145 23.25 16.66 -25.32
C MET B 145 22.01 16.88 -26.17
N ALA B 146 21.27 15.79 -26.47
CA ALA B 146 19.99 15.96 -27.17
C ALA B 146 18.99 16.67 -26.29
N MET B 147 18.88 16.25 -25.03
CA MET B 147 18.02 16.96 -24.10
C MET B 147 18.35 18.45 -24.10
N TRP B 148 19.63 18.77 -23.87
CA TRP B 148 20.06 20.16 -23.72
C TRP B 148 19.86 20.99 -24.99
N VAL B 149 20.26 20.47 -26.15
CA VAL B 149 20.13 21.26 -27.37
C VAL B 149 18.67 21.44 -27.75
N VAL B 150 17.86 20.36 -27.70
CA VAL B 150 16.45 20.45 -28.07
C VAL B 150 15.71 21.43 -27.17
N SER B 151 16.04 21.43 -25.85
CA SER B 151 15.43 22.38 -24.93
C SER B 151 15.90 23.82 -25.19
N LEU B 152 17.20 24.01 -25.42
CA LEU B 152 17.79 25.34 -25.65
C LEU B 152 17.24 26.01 -26.90
N SER B 153 16.91 25.21 -27.92
CA SER B 153 16.43 25.70 -29.20
C SER B 153 14.97 26.14 -29.15
N GLY B 154 14.26 25.80 -28.07
CA GLY B 154 12.87 26.13 -27.89
C GLY B 154 11.93 25.09 -28.43
N PHE B 155 12.44 23.87 -28.65
CA PHE B 155 11.71 22.81 -29.30
C PHE B 155 11.15 21.80 -28.34
N GLU B 156 11.07 22.15 -27.06
CA GLU B 156 10.56 21.25 -26.04
C GLU B 156 9.07 20.97 -26.19
N LEU B 157 8.27 21.98 -26.51
CA LEU B 157 6.83 21.81 -26.63
C LEU B 157 6.40 21.63 -28.06
N SER B 158 7.35 21.49 -28.98
CA SER B 158 7.05 21.40 -30.42
C SER B 158 7.40 20.04 -30.97
N HIS B 159 6.95 19.80 -32.19
CA HIS B 159 7.20 18.57 -32.93
C HIS B 159 8.49 18.68 -33.70
N MET B 160 9.23 19.75 -33.49
CA MET B 160 10.54 19.86 -34.07
C MET B 160 11.46 18.80 -33.48
N GLN B 161 11.28 18.47 -32.20
CA GLN B 161 12.10 17.41 -31.60
C GLN B 161 11.94 16.11 -32.34
N LEU B 162 10.74 15.80 -32.79
CA LEU B 162 10.51 14.57 -33.51
C LEU B 162 11.20 14.58 -34.87
N TYR B 163 11.25 15.75 -35.54
CA TYR B 163 12.03 15.85 -36.77
C TYR B 163 13.53 15.80 -36.48
N ILE B 164 13.97 16.41 -35.38
CA ILE B 164 15.38 16.36 -34.98
C ILE B 164 15.80 14.91 -34.75
N GLY B 165 14.92 14.15 -34.09
CA GLY B 165 15.18 12.74 -33.87
C GLY B 165 15.14 11.94 -35.17
N ALA B 166 14.17 12.21 -36.04
CA ALA B 166 14.14 11.51 -37.31
C ALA B 166 15.38 11.83 -38.16
N ALA B 167 15.76 13.11 -38.22
CA ALA B 167 16.93 13.50 -38.99
C ALA B 167 18.19 12.83 -38.46
N LEU B 168 18.34 12.75 -37.12
CA LEU B 168 19.54 12.10 -36.60
C LEU B 168 19.44 10.60 -36.73
N SER B 169 18.22 10.05 -36.77
CA SER B 169 18.05 8.65 -37.14
C SER B 169 18.59 8.41 -38.53
N ALA B 170 18.22 9.28 -39.48
CA ALA B 170 18.66 9.14 -40.87
C ALA B 170 20.17 9.33 -41.00
N ILE B 171 20.74 10.30 -40.26
CA ILE B 171 22.20 10.44 -40.26
C ILE B 171 22.85 9.18 -39.70
N LEU B 172 22.22 8.55 -38.70
CA LEU B 172 22.72 7.27 -38.17
C LEU B 172 22.63 6.16 -39.21
N VAL B 173 21.56 6.12 -40.02
CA VAL B 173 21.50 5.17 -41.13
C VAL B 173 22.76 5.32 -42.01
N LEU B 174 22.95 6.52 -42.56
CA LEU B 174 23.97 6.63 -43.59
C LEU B 174 25.36 6.60 -43.00
N PHE B 175 25.52 6.92 -41.71
CA PHE B 175 26.79 6.63 -41.07
C PHE B 175 26.94 5.13 -40.86
N THR B 176 25.82 4.40 -40.71
CA THR B 176 25.93 2.97 -40.51
C THR B 176 26.54 2.31 -41.73
N LEU B 177 26.25 2.88 -42.91
CA LEU B 177 26.79 2.34 -44.17
C LEU B 177 28.31 2.24 -44.13
N THR B 178 28.96 3.27 -43.58
CA THR B 178 30.41 3.36 -43.50
C THR B 178 31.07 2.22 -42.73
N LEU B 179 30.33 1.53 -41.86
CA LEU B 179 30.93 0.50 -41.00
C LEU B 179 31.62 -0.60 -41.83
N PRO B 180 32.75 -1.14 -41.35
CA PRO B 180 33.42 -2.22 -42.08
C PRO B 180 32.60 -3.50 -42.10
N HIS B 181 32.83 -4.31 -43.13
CA HIS B 181 32.17 -5.61 -43.25
C HIS B 181 32.82 -6.63 -42.32
N ILE B 182 31.99 -7.35 -41.57
CA ILE B 182 32.43 -8.46 -40.72
C ILE B 182 31.62 -9.67 -41.14
N PRO B 183 32.23 -10.78 -41.53
CA PRO B 183 31.42 -11.98 -41.82
C PRO B 183 30.72 -12.48 -40.55
N VAL B 184 29.43 -12.77 -40.70
CA VAL B 184 28.65 -13.20 -39.56
C VAL B 184 29.21 -14.48 -38.98
N ALA B 185 30.06 -15.17 -39.75
CA ALA B 185 30.66 -16.41 -39.30
C ALA B 185 31.47 -16.19 -38.03
N LYS B 186 32.17 -15.06 -37.92
CA LYS B 186 32.96 -14.77 -36.71
C LYS B 186 32.09 -14.55 -35.48
N GLN B 187 30.80 -14.35 -35.64
CA GLN B 187 29.90 -14.06 -34.53
C GLN B 187 29.30 -15.34 -33.95
N GLN B 188 29.76 -16.50 -34.41
CA GLN B 188 29.32 -17.86 -34.07
C GLN B 188 30.08 -18.45 -32.87
N ALA B 189 29.56 -19.59 -32.39
CA ALA B 189 30.09 -20.39 -31.29
C ALA B 189 29.91 -19.67 -29.96
N ASN B 190 29.28 -18.49 -30.00
CA ASN B 190 29.06 -17.58 -28.88
C ASN B 190 27.54 -17.51 -28.70
N GLN B 191 26.99 -18.15 -27.64
CA GLN B 191 25.53 -18.19 -27.51
C GLN B 191 25.02 -16.88 -26.87
N SER B 192 24.04 -16.22 -27.50
CA SER B 192 23.76 -14.85 -27.06
C SER B 192 23.07 -14.79 -25.71
N TRP B 193 22.98 -13.56 -25.20
CA TRP B 193 22.24 -13.33 -23.97
C TRP B 193 20.77 -13.70 -24.11
N THR B 194 20.21 -13.56 -25.31
CA THR B 194 18.80 -13.87 -25.55
C THR B 194 18.46 -15.33 -25.28
N THR B 195 19.42 -16.25 -25.39
CA THR B 195 19.12 -17.64 -25.06
C THR B 195 18.80 -17.86 -23.58
N LEU B 196 19.16 -16.90 -22.71
CA LEU B 196 18.88 -16.98 -21.28
C LEU B 196 17.53 -16.38 -20.92
N LEU B 197 16.80 -15.88 -21.92
CA LEU B 197 15.39 -15.55 -21.77
C LEU B 197 14.62 -16.76 -22.29
N GLY B 198 13.53 -16.55 -22.98
CA GLY B 198 12.85 -17.67 -23.57
C GLY B 198 11.98 -18.36 -22.53
N LEU B 199 11.38 -19.47 -22.94
CA LEU B 199 10.42 -20.08 -22.05
C LEU B 199 11.07 -21.05 -21.06
N ASP B 200 12.41 -21.11 -21.00
CA ASP B 200 13.03 -21.99 -20.04
C ASP B 200 13.40 -21.26 -18.76
N ALA B 201 13.48 -19.92 -18.82
CA ALA B 201 13.92 -19.08 -17.72
C ALA B 201 12.81 -18.67 -16.78
N PHE B 202 11.56 -18.96 -17.12
CA PHE B 202 10.48 -18.82 -16.18
C PHE B 202 10.49 -19.97 -15.21
N ALA B 203 11.42 -20.90 -15.40
CA ALA B 203 11.61 -21.93 -14.40
C ALA B 203 11.99 -21.30 -13.06
N LEU B 204 12.68 -20.15 -13.10
CA LEU B 204 13.06 -19.48 -11.87
C LEU B 204 11.85 -19.11 -11.01
N PHE B 205 10.66 -19.01 -11.61
CA PHE B 205 9.47 -18.71 -10.83
C PHE B 205 8.79 -19.95 -10.22
N LYS B 206 9.41 -21.12 -10.31
CA LYS B 206 8.96 -22.21 -9.46
C LYS B 206 9.25 -21.88 -7.99
N ASN B 207 10.37 -21.21 -7.73
CA ASN B 207 10.72 -20.85 -6.35
C ASN B 207 9.79 -19.75 -5.85
N LYS B 208 8.84 -20.12 -4.98
CA LYS B 208 7.74 -19.21 -4.65
C LYS B 208 8.26 -17.92 -4.05
N ARG B 209 9.27 -18.01 -3.16
CA ARG B 209 9.87 -16.82 -2.56
C ARG B 209 10.40 -15.89 -3.63
N MET B 210 11.13 -16.45 -4.60
CA MET B 210 11.68 -15.63 -5.67
C MET B 210 10.57 -15.05 -6.53
N ALA B 211 9.48 -15.81 -6.74
CA ALA B 211 8.35 -15.31 -7.52
C ALA B 211 7.74 -14.08 -6.86
N ILE B 212 7.47 -14.18 -5.55
CA ILE B 212 6.91 -13.07 -4.79
C ILE B 212 7.83 -11.87 -4.90
N PHE B 213 9.14 -12.15 -4.83
CA PHE B 213 10.14 -11.11 -4.95
C PHE B 213 10.05 -10.40 -6.30
N PHE B 214 9.99 -11.17 -7.38
CA PHE B 214 9.95 -10.58 -8.71
C PHE B 214 8.70 -9.74 -8.90
N ILE B 215 7.56 -10.17 -8.37
CA ILE B 215 6.37 -9.34 -8.60
C ILE B 215 6.49 -8.03 -7.82
N PHE B 216 7.01 -8.05 -6.59
CA PHE B 216 7.17 -6.76 -5.90
C PHE B 216 8.26 -5.91 -6.55
N SER B 217 9.37 -6.53 -6.98
CA SER B 217 10.40 -5.82 -7.73
C SER B 217 9.83 -5.24 -9.01
N MET B 218 8.98 -6.00 -9.66
CA MET B 218 8.28 -5.57 -10.85
C MET B 218 7.35 -4.40 -10.53
N LEU B 219 6.70 -4.48 -9.37
CA LEU B 219 5.81 -3.43 -8.89
C LEU B 219 6.59 -2.14 -8.63
N LEU B 220 7.79 -2.25 -8.06
CA LEU B 220 8.64 -1.09 -7.90
C LEU B 220 9.17 -0.60 -9.23
N GLY B 221 9.51 -1.52 -10.14
CA GLY B 221 10.03 -1.06 -11.39
C GLY B 221 9.01 -0.26 -12.17
N ALA B 222 7.72 -0.40 -11.79
CA ALA B 222 6.65 0.36 -12.43
C ALA B 222 6.85 1.89 -12.33
N GLU B 223 7.46 2.38 -11.25
CA GLU B 223 7.70 3.82 -11.09
C GLU B 223 9.15 4.24 -11.35
N LEU B 224 9.98 3.41 -11.99
CA LEU B 224 11.35 3.77 -12.38
C LEU B 224 11.40 4.88 -13.45
N GLN B 225 10.47 4.84 -14.41
CA GLN B 225 10.51 5.79 -15.52
C GLN B 225 9.37 6.79 -15.49
N ILE B 226 8.68 6.94 -14.35
CA ILE B 226 7.51 7.82 -14.31
C ILE B 226 7.91 9.27 -14.50
N THR B 227 9.02 9.68 -13.88
CA THR B 227 9.40 11.08 -13.96
C THR B 227 10.21 11.38 -15.20
N ASN B 228 10.81 10.36 -15.81
CA ASN B 228 11.22 10.53 -17.20
C ASN B 228 10.02 10.84 -18.10
N MET B 229 8.89 10.15 -17.90
CA MET B 229 7.69 10.40 -18.71
C MET B 229 7.07 11.75 -18.42
N PHE B 230 6.95 12.16 -17.12
CA PHE B 230 6.12 13.29 -16.67
C PHE B 230 6.75 14.45 -15.88
N GLY B 231 7.99 14.37 -15.39
CA GLY B 231 8.51 15.51 -14.65
C GLY B 231 8.55 16.76 -15.52
N ASN B 232 8.78 16.58 -16.83
CA ASN B 232 8.77 17.71 -17.75
C ASN B 232 7.40 18.38 -17.85
N THR B 233 6.33 17.59 -17.96
CA THR B 233 5.00 18.17 -17.94
C THR B 233 4.76 18.84 -16.59
N PHE B 234 5.26 18.20 -15.53
CA PHE B 234 5.04 18.75 -14.21
C PHE B 234 5.73 20.09 -14.06
N LEU B 235 6.96 20.21 -14.56
CA LEU B 235 7.69 21.47 -14.48
C LEU B 235 7.10 22.49 -15.43
N HIS B 236 6.44 22.06 -16.50
CA HIS B 236 5.80 23.04 -17.37
C HIS B 236 4.50 23.56 -16.77
N SER B 237 3.98 22.87 -15.74
CA SER B 237 2.72 23.29 -15.15
C SER B 237 2.81 24.66 -14.50
N PHE B 238 4.01 25.20 -14.28
CA PHE B 238 4.05 26.46 -13.56
C PHE B 238 3.82 27.69 -14.46
N ASP B 239 3.57 27.50 -15.75
CA ASP B 239 3.30 28.65 -16.63
C ASP B 239 1.90 29.18 -16.43
N LYS B 240 1.06 28.46 -15.68
CA LYS B 240 -0.24 29.01 -15.30
C LYS B 240 -0.07 30.16 -14.33
N ASP B 241 1.06 30.18 -13.59
CA ASP B 241 1.37 31.22 -12.61
C ASP B 241 2.21 32.30 -13.25
N PRO B 242 1.79 33.57 -13.28
CA PRO B 242 2.69 34.61 -13.80
C PRO B 242 3.92 34.79 -12.92
N MET B 243 3.87 34.31 -11.68
CA MET B 243 5.05 34.28 -10.82
C MET B 243 6.21 33.59 -11.52
N PHE B 244 5.95 32.47 -12.19
CA PHE B 244 7.02 31.66 -12.74
C PHE B 244 6.94 31.41 -14.25
N ALA B 245 5.95 31.93 -14.98
CA ALA B 245 5.85 31.55 -16.39
C ALA B 245 7.17 31.86 -17.13
N SER B 246 7.80 32.98 -16.78
CA SER B 246 9.14 33.39 -17.23
C SER B 246 10.26 32.47 -16.78
N SER B 247 10.03 31.58 -15.82
CA SER B 247 11.12 30.90 -15.14
C SER B 247 11.90 29.96 -16.06
N PHE B 248 13.22 29.94 -15.87
CA PHE B 248 14.08 29.05 -16.62
C PHE B 248 13.72 27.60 -16.39
N ILE B 249 13.38 27.24 -15.15
CA ILE B 249 13.00 25.84 -14.90
C ILE B 249 11.67 25.52 -15.56
N VAL B 250 10.78 26.50 -15.75
CA VAL B 250 9.53 26.17 -16.42
C VAL B 250 9.73 26.03 -17.94
N GLN B 251 10.47 26.92 -18.59
CA GLN B 251 10.71 26.64 -20.01
C GLN B 251 11.99 25.88 -20.30
N HIS B 252 13.00 25.92 -19.45
CA HIS B 252 14.17 25.09 -19.72
C HIS B 252 14.24 24.00 -18.64
N ALA B 253 13.06 23.41 -18.44
CA ALA B 253 12.87 22.28 -17.53
C ALA B 253 13.74 21.11 -17.91
N SER B 254 14.01 20.92 -19.20
CA SER B 254 14.79 19.76 -19.55
C SER B 254 16.21 19.87 -19.06
N ILE B 255 16.70 21.08 -18.80
CA ILE B 255 18.03 21.19 -18.22
C ILE B 255 17.94 20.95 -16.72
N ILE B 256 16.77 21.20 -16.12
CA ILE B 256 16.62 20.93 -14.69
C ILE B 256 16.50 19.43 -14.46
N MET B 257 15.91 18.70 -15.40
CA MET B 257 15.79 17.27 -15.18
C MET B 257 16.93 16.48 -15.80
N SER B 258 17.82 17.15 -16.52
CA SER B 258 19.04 16.51 -16.98
C SER B 258 19.92 16.08 -15.81
N ILE B 259 19.77 16.73 -14.64
CA ILE B 259 20.55 16.33 -13.49
C ILE B 259 20.26 14.87 -13.14
N SER B 260 19.07 14.35 -13.50
CA SER B 260 18.72 12.98 -13.16
C SER B 260 19.59 11.97 -13.91
N GLN B 261 19.73 12.16 -15.23
CA GLN B 261 20.60 11.27 -16.00
C GLN B 261 22.06 11.50 -15.63
N ILE B 262 22.44 12.75 -15.35
CA ILE B 262 23.80 12.99 -14.87
C ILE B 262 24.05 12.27 -13.53
N SER B 263 23.11 12.37 -12.57
CA SER B 263 23.24 11.66 -11.31
C SER B 263 23.31 10.16 -11.54
N GLU B 264 22.42 9.66 -12.41
CA GLU B 264 22.38 8.24 -12.74
C GLU B 264 23.73 7.75 -13.25
N THR B 265 24.42 8.56 -14.06
CA THR B 265 25.76 8.19 -14.50
C THR B 265 26.78 8.28 -13.36
N LEU B 266 26.75 9.35 -12.55
CA LEU B 266 27.80 9.53 -11.55
C LEU B 266 27.64 8.62 -10.33
N PHE B 267 26.41 8.19 -10.01
CA PHE B 267 26.15 7.26 -8.91
C PHE B 267 26.60 5.82 -9.23
N ILE B 268 26.96 5.54 -10.48
CA ILE B 268 27.51 4.22 -10.80
C ILE B 268 28.84 3.98 -10.10
N LEU B 269 29.64 5.05 -9.90
CA LEU B 269 30.91 4.99 -9.18
C LEU B 269 30.71 4.68 -7.70
N THR B 270 29.60 5.15 -7.12
CA THR B 270 29.35 4.90 -5.70
C THR B 270 28.98 3.45 -5.42
N ILE B 271 28.66 2.70 -6.48
CA ILE B 271 28.10 1.34 -6.32
C ILE B 271 29.12 0.42 -5.65
N PRO B 272 30.37 0.32 -6.12
CA PRO B 272 31.31 -0.63 -5.50
C PRO B 272 31.51 -0.39 -4.00
N PHE B 273 31.44 0.87 -3.57
CA PHE B 273 31.50 1.20 -2.16
C PHE B 273 30.24 0.81 -1.39
N PHE B 274 29.05 1.15 -1.91
CA PHE B 274 27.87 0.95 -1.08
C PHE B 274 27.51 -0.52 -0.94
N LEU B 275 27.80 -1.34 -1.97
CA LEU B 275 27.49 -2.76 -1.79
C LEU B 275 28.36 -3.35 -0.70
N SER B 276 29.68 -3.09 -0.77
CA SER B 276 30.62 -3.56 0.24
C SER B 276 30.29 -3.04 1.63
N ARG B 277 29.95 -1.75 1.73
CA ARG B 277 29.66 -1.10 3.00
C ARG B 277 28.39 -1.63 3.65
N TYR B 278 27.28 -1.65 2.93
CA TYR B 278 26.04 -1.94 3.62
C TYR B 278 25.43 -3.29 3.30
N GLY B 279 25.66 -3.85 2.10
CA GLY B 279 25.12 -5.13 1.76
C GLY B 279 23.85 -5.02 0.95
N ILE B 280 23.34 -6.19 0.59
CA ILE B 280 22.36 -6.23 -0.49
C ILE B 280 21.02 -5.67 -0.03
N LYS B 281 20.48 -6.19 1.08
CA LYS B 281 19.18 -5.70 1.55
C LYS B 281 19.30 -4.23 1.94
N ASN B 282 20.44 -3.87 2.54
CA ASN B 282 20.69 -2.50 2.98
C ASN B 282 20.63 -1.55 1.81
N VAL B 283 21.30 -1.89 0.71
CA VAL B 283 21.33 -1.03 -0.46
C VAL B 283 19.95 -0.94 -1.10
N MET B 284 19.20 -2.05 -1.17
CA MET B 284 17.83 -1.93 -1.70
C MET B 284 16.97 -1.02 -0.82
N MET B 285 17.15 -1.10 0.50
CA MET B 285 16.38 -0.20 1.34
C MET B 285 16.76 1.26 1.07
N ILE B 286 18.05 1.52 0.81
CA ILE B 286 18.45 2.88 0.42
C ILE B 286 17.72 3.30 -0.84
N SER B 287 17.71 2.41 -1.84
CA SER B 287 17.00 2.61 -3.10
C SER B 287 15.57 3.07 -2.83
N ILE B 288 14.89 2.33 -1.93
CA ILE B 288 13.49 2.61 -1.61
C ILE B 288 13.35 4.01 -1.03
N VAL B 289 14.18 4.33 -0.04
CA VAL B 289 14.01 5.63 0.58
C VAL B 289 14.26 6.73 -0.44
N ALA B 290 15.24 6.54 -1.32
CA ALA B 290 15.52 7.56 -2.31
C ALA B 290 14.34 7.75 -3.26
N TRP B 291 13.58 6.68 -3.55
CA TRP B 291 12.35 6.90 -4.33
C TRP B 291 11.32 7.70 -3.53
N ILE B 292 11.21 7.43 -2.23
CA ILE B 292 10.28 8.20 -1.40
C ILE B 292 10.66 9.68 -1.45
N LEU B 293 11.95 9.97 -1.25
CA LEU B 293 12.44 11.34 -1.29
C LEU B 293 12.26 11.97 -2.66
N ARG B 294 12.51 11.22 -3.74
CA ARG B 294 12.35 11.77 -5.08
C ARG B 294 10.93 12.25 -5.31
N PHE B 295 9.96 11.42 -4.97
CA PHE B 295 8.59 11.82 -5.24
C PHE B 295 8.16 12.93 -4.29
N ALA B 296 8.52 12.83 -3.01
CA ALA B 296 8.11 13.83 -2.03
C ALA B 296 8.74 15.17 -2.30
N LEU B 297 10.03 15.17 -2.68
CA LEU B 297 10.70 16.40 -3.03
C LEU B 297 10.11 16.98 -4.29
N PHE B 298 9.56 16.13 -5.17
CA PHE B 298 8.82 16.68 -6.31
C PHE B 298 7.52 17.34 -5.86
N ALA B 299 6.83 16.77 -4.87
CA ALA B 299 5.50 17.27 -4.49
C ALA B 299 5.56 18.70 -3.99
N TYR B 300 6.56 19.01 -3.17
CA TYR B 300 6.77 20.32 -2.55
C TYR B 300 7.77 21.20 -3.31
N GLY B 301 8.11 20.83 -4.56
CA GLY B 301 9.10 21.57 -5.33
C GLY B 301 8.49 22.66 -6.20
N ASP B 302 9.04 23.86 -6.09
CA ASP B 302 8.54 25.03 -6.80
C ASP B 302 9.69 25.63 -7.59
N PRO B 303 9.39 26.50 -8.57
CA PRO B 303 10.45 27.34 -9.15
C PRO B 303 10.92 28.43 -8.19
N THR B 304 10.45 28.34 -6.95
CA THR B 304 10.83 29.28 -5.91
C THR B 304 12.25 29.00 -5.51
N PRO B 305 12.84 29.83 -4.66
CA PRO B 305 14.21 29.54 -4.18
C PRO B 305 14.28 28.29 -3.33
N PHE B 306 13.39 28.11 -2.36
CA PHE B 306 13.44 26.86 -1.59
C PHE B 306 12.93 25.70 -2.41
N GLY B 307 11.95 25.99 -3.29
CA GLY B 307 11.44 24.96 -4.15
C GLY B 307 12.52 24.43 -5.05
N THR B 308 13.33 25.33 -5.61
CA THR B 308 14.40 24.94 -6.53
C THR B 308 15.41 24.02 -5.86
N VAL B 309 15.80 24.31 -4.61
CA VAL B 309 16.69 23.40 -3.89
C VAL B 309 16.03 22.04 -3.75
N LEU B 310 14.73 22.03 -3.44
CA LEU B 310 14.03 20.75 -3.32
C LEU B 310 14.01 19.99 -4.66
N LEU B 311 13.81 20.72 -5.76
CA LEU B 311 13.77 20.10 -7.07
C LEU B 311 15.14 19.53 -7.46
N VAL B 312 16.20 20.31 -7.26
CA VAL B 312 17.52 19.86 -7.64
C VAL B 312 17.96 18.71 -6.75
N LEU B 313 17.48 18.69 -5.49
CA LEU B 313 17.81 17.57 -4.60
C LEU B 313 17.06 16.33 -5.02
N SER B 314 15.82 16.50 -5.48
CA SER B 314 15.12 15.35 -6.02
C SER B 314 15.81 14.81 -7.25
N MET B 315 16.34 15.72 -8.08
CA MET B 315 17.02 15.27 -9.28
C MET B 315 18.31 14.54 -8.94
N ILE B 316 19.02 15.01 -7.92
CA ILE B 316 20.26 14.32 -7.55
C ILE B 316 19.95 12.94 -6.98
N VAL B 317 18.94 12.84 -6.10
CA VAL B 317 18.60 11.57 -5.45
C VAL B 317 18.04 10.53 -6.43
N TYR B 318 17.47 10.96 -7.56
CA TYR B 318 16.91 9.99 -8.49
C TYR B 318 17.97 9.00 -8.99
N GLY B 319 19.18 9.49 -9.29
CA GLY B 319 20.19 8.61 -9.83
C GLY B 319 20.52 7.48 -8.88
N CYS B 320 20.69 7.78 -7.59
CA CYS B 320 20.91 6.75 -6.59
C CYS B 320 19.72 5.79 -6.51
N ALA B 321 18.49 6.33 -6.60
CA ALA B 321 17.33 5.44 -6.49
C ALA B 321 17.33 4.41 -7.62
N PHE B 322 17.49 4.88 -8.86
CA PHE B 322 17.44 4.02 -10.04
C PHE B 322 18.62 3.04 -10.05
N ASP B 323 19.83 3.57 -9.86
CA ASP B 323 21.03 2.76 -9.96
C ASP B 323 20.99 1.68 -8.92
N PHE B 324 20.72 2.09 -7.67
CA PHE B 324 20.74 1.18 -6.56
C PHE B 324 19.67 0.12 -6.70
N PHE B 325 18.47 0.46 -7.21
CA PHE B 325 17.49 -0.61 -7.32
C PHE B 325 17.92 -1.63 -8.36
N ASN B 326 18.45 -1.18 -9.50
CA ASN B 326 18.80 -2.18 -10.49
C ASN B 326 19.96 -3.07 -10.02
N ILE B 327 21.02 -2.48 -9.42
CA ILE B 327 22.15 -3.30 -8.97
C ILE B 327 21.73 -4.21 -7.82
N SER B 328 20.99 -3.65 -6.85
CA SER B 328 20.57 -4.41 -5.68
C SER B 328 19.65 -5.55 -6.08
N GLY B 329 18.74 -5.30 -7.02
CA GLY B 329 17.88 -6.38 -7.48
C GLY B 329 18.65 -7.44 -8.22
N SER B 330 19.56 -7.02 -9.09
CA SER B 330 20.28 -8.02 -9.85
C SER B 330 21.07 -8.92 -8.91
N VAL B 331 21.79 -8.33 -7.96
CA VAL B 331 22.66 -9.09 -7.04
C VAL B 331 21.85 -9.90 -6.01
N PHE B 332 20.74 -9.34 -5.46
CA PHE B 332 19.93 -10.12 -4.51
C PHE B 332 19.34 -11.35 -5.17
N VAL B 333 18.70 -11.18 -6.34
CA VAL B 333 18.17 -12.36 -7.02
C VAL B 333 19.30 -13.29 -7.42
N GLU B 334 20.43 -12.75 -7.86
CA GLU B 334 21.59 -13.56 -8.23
C GLU B 334 22.09 -14.39 -7.07
N LYS B 335 22.13 -13.81 -5.86
CA LYS B 335 22.60 -14.54 -4.69
C LYS B 335 21.72 -15.74 -4.37
N GLU B 336 20.51 -15.78 -4.90
CA GLU B 336 19.57 -16.85 -4.60
C GLU B 336 19.11 -17.55 -5.86
N VAL B 337 20.09 -17.99 -6.65
CA VAL B 337 19.83 -18.88 -7.76
C VAL B 337 20.82 -20.01 -7.57
N SER B 338 20.45 -21.23 -7.97
CA SER B 338 21.54 -22.17 -8.09
C SER B 338 22.46 -21.52 -9.10
N PRO B 339 23.78 -21.62 -8.93
CA PRO B 339 24.68 -20.78 -9.74
C PRO B 339 24.54 -20.93 -11.24
N ALA B 340 23.95 -22.04 -11.73
CA ALA B 340 23.69 -22.18 -13.16
C ALA B 340 22.69 -21.14 -13.66
N ILE B 341 21.69 -20.81 -12.84
CA ILE B 341 20.63 -19.87 -13.21
C ILE B 341 21.10 -18.43 -13.25
N ARG B 342 22.32 -18.17 -12.78
CA ARG B 342 22.72 -16.84 -12.31
C ARG B 342 22.50 -15.74 -13.34
N ALA B 343 23.10 -15.88 -14.53
CA ALA B 343 23.03 -14.81 -15.53
C ALA B 343 21.61 -14.63 -16.03
N SER B 344 20.85 -15.72 -16.10
CA SER B 344 19.47 -15.69 -16.57
C SER B 344 18.54 -14.99 -15.58
N ALA B 345 18.75 -15.18 -14.27
CA ALA B 345 17.97 -14.44 -13.26
C ALA B 345 18.30 -12.96 -13.24
N GLN B 346 19.57 -12.61 -13.42
CA GLN B 346 19.92 -11.21 -13.54
C GLN B 346 19.24 -10.59 -14.76
N GLY B 347 19.25 -11.31 -15.89
CA GLY B 347 18.61 -10.82 -17.09
C GLY B 347 17.10 -10.71 -16.94
N MET B 348 16.47 -11.72 -16.36
CA MET B 348 15.05 -11.67 -16.19
C MET B 348 14.63 -10.60 -15.20
N PHE B 349 15.43 -10.37 -14.16
CA PHE B 349 15.09 -9.29 -13.25
C PHE B 349 15.07 -7.98 -14.00
N LEU B 350 16.10 -7.77 -14.83
CA LEU B 350 16.15 -6.51 -15.55
C LEU B 350 14.96 -6.38 -16.51
N MET B 351 14.58 -7.48 -17.16
CA MET B 351 13.47 -7.36 -18.09
C MET B 351 12.16 -7.14 -17.35
N MET B 352 11.95 -7.81 -16.22
CA MET B 352 10.70 -7.62 -15.52
C MET B 352 10.59 -6.20 -15.00
N THR B 353 11.59 -5.75 -14.24
CA THR B 353 11.45 -4.46 -13.59
C THR B 353 11.42 -3.35 -14.62
N ASN B 354 12.42 -3.27 -15.47
CA ASN B 354 12.42 -2.13 -16.38
C ASN B 354 11.36 -2.27 -17.47
N GLY B 355 11.32 -3.40 -18.19
CA GLY B 355 10.38 -3.55 -19.29
C GLY B 355 8.93 -3.69 -18.91
N PHE B 356 8.59 -4.72 -18.13
CA PHE B 356 7.19 -4.85 -17.76
C PHE B 356 6.79 -3.73 -16.80
N GLY B 357 7.71 -3.30 -15.92
CA GLY B 357 7.45 -2.15 -15.08
C GLY B 357 7.13 -0.92 -15.91
N CYS B 358 7.72 -0.79 -17.13
CA CYS B 358 7.41 0.35 -17.98
C CYS B 358 6.02 0.25 -18.63
N ILE B 359 5.58 -0.94 -19.03
CA ILE B 359 4.20 -1.04 -19.52
C ILE B 359 3.24 -0.71 -18.39
N LEU B 360 3.45 -1.39 -17.28
CA LEU B 360 2.61 -1.29 -16.09
C LEU B 360 2.59 0.13 -15.57
N GLY B 361 3.78 0.71 -15.38
CA GLY B 361 3.91 2.06 -14.86
C GLY B 361 3.37 3.11 -15.80
N GLY B 362 3.61 2.96 -17.11
CA GLY B 362 3.08 3.97 -18.02
C GLY B 362 1.56 4.08 -17.93
N ILE B 363 0.86 2.95 -18.09
CA ILE B 363 -0.60 3.02 -18.03
C ILE B 363 -1.10 3.44 -16.63
N VAL B 364 -0.47 2.94 -15.55
CA VAL B 364 -0.93 3.33 -14.22
C VAL B 364 -0.67 4.82 -13.94
N SER B 365 0.55 5.32 -14.20
CA SER B 365 0.86 6.72 -13.89
C SER B 365 -0.01 7.64 -14.72
N GLY B 366 -0.23 7.29 -15.99
CA GLY B 366 -1.11 8.11 -16.82
C GLY B 366 -2.52 8.17 -16.28
N LYS B 367 -3.05 7.03 -15.84
CA LYS B 367 -4.37 7.07 -15.24
C LYS B 367 -4.38 7.94 -13.99
N VAL B 368 -3.27 7.93 -13.25
CA VAL B 368 -3.19 8.74 -12.03
C VAL B 368 -3.21 10.22 -12.37
N VAL B 369 -2.36 10.64 -13.32
CA VAL B 369 -2.29 12.05 -13.73
C VAL B 369 -3.61 12.52 -14.32
N GLU B 370 -4.25 11.69 -15.16
CA GLU B 370 -5.55 12.04 -15.73
C GLU B 370 -6.57 12.23 -14.63
N MET B 371 -6.51 11.39 -13.59
CA MET B 371 -7.48 11.47 -12.50
C MET B 371 -7.40 12.82 -11.81
N TYR B 372 -6.19 13.33 -11.59
CA TYR B 372 -5.98 14.54 -10.81
C TYR B 372 -5.76 15.77 -11.69
N THR B 373 -6.32 15.73 -12.89
CA THR B 373 -6.42 16.87 -13.77
C THR B 373 -7.89 17.23 -13.87
N GLN B 374 -8.20 18.50 -13.64
CA GLN B 374 -9.53 19.04 -13.79
C GLN B 374 -9.38 20.38 -14.50
N ASN B 375 -10.12 20.58 -15.59
CA ASN B 375 -10.05 21.79 -16.41
C ASN B 375 -8.70 21.93 -17.11
N GLY B 376 -8.03 20.82 -17.38
CA GLY B 376 -6.72 20.91 -17.98
C GLY B 376 -5.62 21.24 -17.00
N ILE B 377 -5.92 21.40 -15.71
CA ILE B 377 -4.92 21.74 -14.69
C ILE B 377 -4.72 20.53 -13.78
N THR B 378 -3.46 20.08 -13.69
CA THR B 378 -3.09 18.89 -12.93
C THR B 378 -2.68 19.25 -11.51
N ASP B 379 -3.11 18.43 -10.55
CA ASP B 379 -2.76 18.61 -9.14
C ASP B 379 -1.50 17.79 -8.89
N TRP B 380 -0.38 18.36 -9.33
CA TRP B 380 0.89 17.64 -9.28
C TRP B 380 1.30 17.29 -7.86
N GLN B 381 0.93 18.12 -6.87
CA GLN B 381 1.26 17.79 -5.50
C GLN B 381 0.59 16.50 -5.05
N THR B 382 -0.72 16.35 -5.37
CA THR B 382 -1.42 15.11 -5.00
C THR B 382 -0.87 13.91 -5.77
N VAL B 383 -0.56 14.08 -7.06
CA VAL B 383 -0.03 12.98 -7.88
C VAL B 383 1.29 12.50 -7.30
N TRP B 384 2.21 13.44 -7.04
CA TRP B 384 3.53 13.08 -6.53
C TRP B 384 3.41 12.45 -5.16
N LEU B 385 2.48 12.95 -4.32
CA LEU B 385 2.30 12.36 -3.01
C LEU B 385 1.81 10.92 -3.13
N ILE B 386 0.94 10.64 -4.12
CA ILE B 386 0.48 9.28 -4.35
C ILE B 386 1.65 8.35 -4.66
N PHE B 387 2.49 8.75 -5.61
CA PHE B 387 3.59 7.87 -5.98
C PHE B 387 4.58 7.72 -4.83
N ALA B 388 4.79 8.78 -4.03
CA ALA B 388 5.64 8.67 -2.85
C ALA B 388 5.06 7.68 -1.82
N GLY B 389 3.74 7.70 -1.63
CA GLY B 389 3.14 6.75 -0.72
C GLY B 389 3.28 5.33 -1.23
N TYR B 390 3.12 5.14 -2.55
CA TYR B 390 3.33 3.82 -3.13
C TYR B 390 4.77 3.37 -2.89
N SER B 391 5.71 4.33 -2.98
CA SER B 391 7.09 4.07 -2.60
C SER B 391 7.18 3.61 -1.16
N VAL B 392 6.42 4.25 -0.25
CA VAL B 392 6.45 3.88 1.16
C VAL B 392 5.98 2.43 1.35
N VAL B 393 4.91 2.04 0.66
CA VAL B 393 4.40 0.70 0.93
C VAL B 393 5.38 -0.32 0.42
N LEU B 394 5.97 -0.07 -0.76
CA LEU B 394 6.99 -0.99 -1.24
C LEU B 394 8.14 -1.09 -0.24
N ALA B 395 8.44 0.00 0.47
CA ALA B 395 9.46 -0.08 1.52
C ALA B 395 9.09 -1.11 2.57
N PHE B 396 7.83 -1.08 3.01
CA PHE B 396 7.46 -2.00 4.06
C PHE B 396 7.36 -3.43 3.53
N ALA B 397 6.88 -3.60 2.30
CA ALA B 397 6.82 -4.93 1.70
C ALA B 397 8.20 -5.54 1.56
N PHE B 398 9.18 -4.76 1.10
CA PHE B 398 10.53 -5.30 0.99
C PHE B 398 11.11 -5.62 2.37
N MET B 399 10.82 -4.79 3.39
CA MET B 399 11.25 -5.13 4.75
C MET B 399 10.62 -6.44 5.23
N ALA B 400 9.32 -6.64 4.93
CA ALA B 400 8.67 -7.88 5.29
C ALA B 400 9.26 -9.06 4.52
N MET B 401 9.58 -8.86 3.24
CA MET B 401 10.21 -9.90 2.43
C MET B 401 11.56 -10.29 3.03
N PHE B 402 12.36 -9.29 3.40
CA PHE B 402 13.70 -9.54 3.90
C PHE B 402 13.67 -10.16 5.30
N LYS B 403 12.65 -9.86 6.11
CA LYS B 403 12.60 -10.33 7.49
C LYS B 403 11.89 -11.67 7.65
N TYR B 404 11.41 -12.27 6.57
CA TYR B 404 10.71 -13.53 6.59
C TYR B 404 11.68 -14.70 6.62
N LYS B 405 11.30 -15.76 7.31
CA LYS B 405 12.21 -16.90 7.45
C LYS B 405 11.44 -18.22 7.50
C18 OLC C . -24.06 -27.12 30.78
C10 OLC C . -21.32 -21.54 35.76
C9 OLC C . -20.43 -21.98 36.59
C17 OLC C . -23.11 -26.96 31.95
C11 OLC C . -21.19 -21.62 34.29
C8 OLC C . -19.16 -22.65 36.19
C16 OLC C . -23.51 -25.78 32.78
C12 OLC C . -22.07 -22.73 33.80
C7 OLC C . -18.35 -22.73 37.45
C15 OLC C . -23.08 -24.49 32.12
C13 OLC C . -23.12 -22.19 32.92
C6 OLC C . -17.15 -23.56 37.12
C14 OLC C . -23.99 -23.32 32.45
C5 OLC C . -16.13 -23.70 38.23
C4 OLC C . -14.91 -24.26 37.54
C3 OLC C . -13.80 -24.35 38.53
C18 OLC D . -26.00 -23.61 36.68
C10 OLC D . -18.27 -26.11 41.49
C9 OLC D . -17.13 -26.63 41.95
C17 OLC D . -25.04 -23.22 37.80
C11 OLC D . -18.96 -26.46 40.16
C8 OLC D . -16.29 -27.71 41.24
C16 OLC D . -23.86 -24.20 37.84
C12 OLC D . -20.47 -26.27 40.32
C7 OLC D . -14.83 -27.69 41.70
C15 OLC D . -22.90 -23.84 38.97
C13 OLC D . -20.85 -24.81 40.10
C6 OLC D . -13.98 -28.40 40.64
C14 OLC D . -21.64 -24.70 38.79
C5 OLC D . -13.19 -29.55 41.24
#